data_6OI6
#
_entry.id   6OI6
#
_cell.length_a   76.532
_cell.length_b   111.959
_cell.length_c   136.485
_cell.angle_alpha   90.00
_cell.angle_beta   90.00
_cell.angle_gamma   90.00
#
_symmetry.space_group_name_H-M   'P 21 21 21'
#
loop_
_entity.id
_entity.type
_entity.pdbx_description
1 polymer 'Sulfide:quinone oxidoreductase, mitochondrial'
2 non-polymer 'FLAVIN-ADENINE DINUCLEOTIDE'
3 non-polymer UBIQUINONE-1
4 water water
#
_entity_poly.entity_id   1
_entity_poly.type   'polypeptide(L)'
_entity_poly.pdbx_seq_one_letter_code
;MNHYEVLVLGGGSGGITMAARMKRKVGAENVAIVEPSERHFYQPIWTLVGAGAKQLSSSGRPTASVIPSGVEWIKARVTE
LNPDKNCIHTDDDEKISYRYLIIALGIQLDYEKIKGLPEGFAHPKIGSNYSVKTVEKTWKALQDFKEGNAIFTFPNTPVK
(CSS)AGAPQKIMYLSEAYFRKTGKRSKANIIFNTSLGAIFGVKKYADALQEIIQERNLTVNYKKNLIEVRADKQEAVFE
NLDKPGETQVISYEMLHVTPPMSPPDVLKTSPVADAAGWVDVDKETLQHRRYPNVFGIGDCTNLPTSKTAAAVAAQSGIL
DRTISVIMKNQTPTKKYDGYTSCPLVTGYNRVILAEFDYKAEPLETFPFDQSKERLSMYLMKADLMPFLYWNMMLRGYWG
GPAFLRKLFHLGMSLEHHHHHH
;
_entity_poly.pdbx_strand_id   A,B
#
# COMPACT_ATOMS: atom_id res chain seq x y z
N MET A 1 19.74 -15.54 -26.29
CA MET A 1 19.42 -14.42 -25.41
C MET A 1 20.73 -13.86 -24.85
N ASN A 2 20.78 -12.54 -24.66
CA ASN A 2 21.91 -11.92 -23.99
C ASN A 2 21.94 -12.35 -22.54
N HIS A 3 23.15 -12.49 -22.01
CA HIS A 3 23.32 -13.07 -20.69
C HIS A 3 24.39 -12.30 -19.93
N TYR A 4 24.24 -12.25 -18.60
CA TYR A 4 25.27 -11.73 -17.72
C TYR A 4 25.20 -12.46 -16.38
N GLU A 5 26.37 -12.65 -15.75
CA GLU A 5 26.41 -13.36 -14.47
C GLU A 5 25.70 -12.56 -13.37
N VAL A 6 25.89 -11.25 -13.36
CA VAL A 6 25.23 -10.37 -12.41
C VAL A 6 24.60 -9.25 -13.19
N LEU A 7 23.29 -9.11 -13.07
CA LEU A 7 22.52 -8.05 -13.73
C LEU A 7 21.95 -7.11 -12.67
N VAL A 8 22.19 -5.81 -12.83
CA VAL A 8 21.71 -4.81 -11.89
C VAL A 8 20.62 -4.01 -12.57
N LEU A 9 19.43 -3.95 -11.95
CA LEU A 9 18.33 -3.14 -12.46
C LEU A 9 18.32 -1.80 -11.76
N GLY A 10 18.62 -0.74 -12.50
CA GLY A 10 18.70 0.59 -11.92
C GLY A 10 20.11 1.04 -11.67
N GLY A 11 20.47 2.22 -12.21
CA GLY A 11 21.79 2.77 -11.97
C GLY A 11 21.82 3.96 -11.04
N GLY A 12 21.02 3.94 -9.98
CA GLY A 12 21.07 5.00 -8.98
C GLY A 12 22.01 4.70 -7.82
N SER A 13 21.65 5.11 -6.61
CA SER A 13 22.60 4.96 -5.51
C SER A 13 22.91 3.50 -5.25
N GLY A 14 21.89 2.66 -5.10
CA GLY A 14 22.14 1.26 -4.79
C GLY A 14 22.68 0.46 -5.96
N GLY A 15 22.25 0.80 -7.18
CA GLY A 15 22.68 0.00 -8.32
C GLY A 15 24.14 0.21 -8.67
N ILE A 16 24.59 1.47 -8.68
CA ILE A 16 26.00 1.75 -8.94
C ILE A 16 26.87 1.16 -7.84
N THR A 17 26.42 1.26 -6.58
CA THR A 17 27.20 0.73 -5.47
C THR A 17 27.34 -0.78 -5.58
N MET A 18 26.23 -1.49 -5.87
CA MET A 18 26.34 -2.95 -5.93
C MET A 18 27.14 -3.42 -7.15
N ALA A 19 27.14 -2.65 -8.24
CA ALA A 19 27.88 -3.07 -9.43
C ALA A 19 29.39 -2.93 -9.21
N ALA A 20 29.81 -1.85 -8.56
CA ALA A 20 31.22 -1.70 -8.21
C ALA A 20 31.67 -2.84 -7.32
N ARG A 21 30.88 -3.15 -6.29
CA ARG A 21 31.19 -4.25 -5.39
C ARG A 21 31.21 -5.57 -6.13
N MET A 22 30.29 -5.76 -7.07
CA MET A 22 30.20 -7.04 -7.76
C MET A 22 31.31 -7.19 -8.79
N LYS A 23 31.67 -6.11 -9.48
CA LYS A 23 32.81 -6.14 -10.39
C LYS A 23 34.04 -6.75 -9.73
N ARG A 24 34.38 -6.27 -8.53
CA ARG A 24 35.50 -6.83 -7.80
C ARG A 24 35.29 -8.29 -7.39
N LYS A 25 34.07 -8.83 -7.47
CA LYS A 25 33.82 -10.21 -7.07
C LYS A 25 33.77 -11.18 -8.26
N VAL A 26 33.20 -10.78 -9.39
CA VAL A 26 33.03 -11.66 -10.54
C VAL A 26 33.69 -11.13 -11.80
N GLY A 27 34.30 -9.95 -11.76
CA GLY A 27 34.91 -9.39 -12.97
C GLY A 27 34.00 -8.45 -13.72
N ALA A 28 34.53 -7.31 -14.18
CA ALA A 28 33.67 -6.27 -14.74
C ALA A 28 32.88 -6.76 -15.96
N GLU A 29 33.44 -7.69 -16.72
CA GLU A 29 32.77 -8.17 -17.92
C GLU A 29 31.50 -8.96 -17.62
N ASN A 30 31.31 -9.43 -16.39
CA ASN A 30 30.14 -10.22 -16.07
C ASN A 30 29.10 -9.43 -15.29
N VAL A 31 29.17 -8.11 -15.37
CA VAL A 31 28.24 -7.22 -14.70
C VAL A 31 27.60 -6.29 -15.73
N ALA A 32 26.29 -6.13 -15.64
CA ALA A 32 25.57 -5.20 -16.48
C ALA A 32 24.57 -4.40 -15.64
N ILE A 33 24.43 -3.12 -15.98
CA ILE A 33 23.49 -2.20 -15.37
C ILE A 33 22.47 -1.79 -16.43
N VAL A 34 21.18 -1.91 -16.11
CA VAL A 34 20.08 -1.41 -16.95
C VAL A 34 19.58 -0.10 -16.35
N GLU A 35 19.78 1.02 -17.07
CA GLU A 35 19.41 2.32 -16.53
C GLU A 35 19.09 3.24 -17.71
N PRO A 36 17.92 3.86 -17.73
CA PRO A 36 17.55 4.64 -18.92
C PRO A 36 18.00 6.09 -18.88
N SER A 37 18.36 6.63 -17.73
CA SER A 37 18.65 8.05 -17.60
C SER A 37 20.10 8.39 -17.96
N GLU A 38 20.30 9.53 -18.61
CA GLU A 38 21.67 9.90 -18.97
C GLU A 38 22.44 10.42 -17.79
N ARG A 39 21.75 10.82 -16.74
CA ARG A 39 22.33 11.60 -15.68
C ARG A 39 22.11 10.88 -14.35
N HIS A 40 23.13 10.88 -13.51
CA HIS A 40 23.05 10.29 -12.18
C HIS A 40 23.10 11.41 -11.15
N PHE A 41 22.19 11.39 -10.19
CA PHE A 41 22.01 12.51 -9.28
C PHE A 41 22.27 12.10 -7.85
N TYR A 42 22.95 12.98 -7.10
CA TYR A 42 23.05 12.81 -5.66
C TYR A 42 21.88 13.57 -5.07
N GLN A 43 20.74 12.89 -4.96
CA GLN A 43 19.51 13.57 -4.55
C GLN A 43 19.56 14.23 -3.17
N PRO A 44 20.28 13.72 -2.15
CA PRO A 44 20.26 14.40 -0.84
C PRO A 44 20.55 15.90 -0.87
N ILE A 45 21.46 16.38 -1.73
CA ILE A 45 21.81 17.79 -1.73
C ILE A 45 20.69 18.65 -2.30
N TRP A 46 19.67 18.03 -2.92
CA TRP A 46 18.55 18.80 -3.45
C TRP A 46 17.84 19.61 -2.37
N THR A 47 17.84 19.11 -1.12
CA THR A 47 17.34 19.87 0.02
C THR A 47 18.01 21.23 0.11
N LEU A 48 19.36 21.25 0.01
CA LEU A 48 20.06 22.54 0.02
C LEU A 48 19.98 23.30 -1.32
N VAL A 49 19.74 22.60 -2.44
CA VAL A 49 19.46 23.31 -3.69
C VAL A 49 18.15 24.10 -3.59
N GLY A 50 17.08 23.48 -3.09
CA GLY A 50 15.83 24.23 -2.98
C GLY A 50 15.90 25.37 -1.97
N ALA A 51 16.87 25.32 -1.07
CA ALA A 51 17.02 26.35 -0.06
C ALA A 51 17.97 27.45 -0.51
N GLY A 52 18.49 27.34 -1.73
CA GLY A 52 19.39 28.32 -2.30
C GLY A 52 20.83 28.20 -1.88
N ALA A 53 21.21 27.10 -1.25
CA ALA A 53 22.55 27.00 -0.68
C ALA A 53 23.54 26.28 -1.59
N LYS A 54 23.07 25.49 -2.56
CA LYS A 54 23.96 24.71 -3.40
C LYS A 54 23.42 24.75 -4.82
N GLN A 55 24.33 24.58 -5.78
CA GLN A 55 23.98 24.61 -7.19
C GLN A 55 23.47 23.26 -7.64
N LEU A 56 22.35 23.27 -8.39
CA LEU A 56 21.76 22.02 -8.88
C LEU A 56 22.73 21.24 -9.76
N SER A 57 23.48 21.93 -10.63
CA SER A 57 24.32 21.21 -11.59
C SER A 57 25.44 20.42 -10.91
N SER A 58 25.85 20.81 -9.72
CA SER A 58 26.84 20.04 -8.99
C SER A 58 26.28 18.77 -8.35
N SER A 59 24.96 18.62 -8.31
CA SER A 59 24.33 17.45 -7.74
C SER A 59 24.33 16.25 -8.68
N GLY A 60 24.79 16.44 -9.92
CA GLY A 60 24.63 15.43 -10.94
C GLY A 60 25.93 15.23 -11.71
N ARG A 61 26.02 14.08 -12.35
CA ARG A 61 27.12 13.69 -13.23
C ARG A 61 26.53 12.84 -14.34
N PRO A 62 27.20 12.77 -15.49
CA PRO A 62 26.74 11.86 -16.54
C PRO A 62 26.81 10.42 -16.04
N THR A 63 25.76 9.65 -16.35
CA THR A 63 25.72 8.26 -15.91
C THR A 63 26.95 7.51 -16.41
N ALA A 64 27.39 7.79 -17.65
CA ALA A 64 28.60 7.14 -18.18
C ALA A 64 29.81 7.37 -17.28
N SER A 65 29.86 8.50 -16.57
CA SER A 65 31.01 8.79 -15.73
C SER A 65 31.05 7.98 -14.43
N VAL A 66 29.92 7.43 -13.97
CA VAL A 66 29.93 6.63 -12.74
C VAL A 66 29.79 5.14 -13.00
N ILE A 67 29.56 4.71 -14.24
CA ILE A 67 29.48 3.29 -14.57
C ILE A 67 30.84 2.70 -14.27
N PRO A 68 30.99 1.73 -13.36
CA PRO A 68 32.32 1.19 -13.10
C PRO A 68 32.94 0.74 -14.41
N SER A 69 34.19 1.12 -14.62
CA SER A 69 34.83 0.88 -15.90
C SER A 69 34.86 -0.62 -16.18
N GLY A 70 34.56 -0.98 -17.42
CA GLY A 70 34.45 -2.36 -17.82
C GLY A 70 33.06 -2.94 -17.69
N VAL A 71 32.17 -2.36 -16.89
CA VAL A 71 30.83 -2.88 -16.70
C VAL A 71 29.94 -2.44 -17.86
N GLU A 72 29.10 -3.35 -18.34
CA GLU A 72 28.21 -3.02 -19.46
C GLU A 72 27.07 -2.12 -18.99
N TRP A 73 26.82 -1.04 -19.74
CA TRP A 73 25.71 -0.14 -19.45
C TRP A 73 24.63 -0.30 -20.52
N ILE A 74 23.46 -0.74 -20.09
CA ILE A 74 22.35 -1.02 -20.99
C ILE A 74 21.35 0.12 -20.80
N LYS A 75 21.40 1.09 -21.71
CA LYS A 75 20.58 2.29 -21.60
C LYS A 75 19.19 1.95 -22.10
N ALA A 76 18.30 1.62 -21.18
CA ALA A 76 16.95 1.19 -21.51
C ALA A 76 16.19 1.14 -20.20
N ARG A 77 14.88 0.96 -20.31
CA ARG A 77 14.00 0.82 -19.16
C ARG A 77 13.55 -0.63 -19.02
N VAL A 78 13.56 -1.15 -17.79
CA VAL A 78 13.02 -2.49 -17.55
C VAL A 78 11.50 -2.45 -17.67
N THR A 79 10.94 -3.31 -18.50
CA THR A 79 9.49 -3.31 -18.69
C THR A 79 8.80 -4.57 -18.18
N GLU A 80 9.53 -5.64 -17.87
CA GLU A 80 8.92 -6.80 -17.24
C GLU A 80 10.01 -7.68 -16.64
N LEU A 81 9.67 -8.41 -15.57
CA LEU A 81 10.58 -9.35 -14.92
C LEU A 81 9.94 -10.72 -14.88
N ASN A 82 10.76 -11.76 -15.04
CA ASN A 82 10.28 -13.14 -15.11
C ASN A 82 11.22 -14.06 -14.35
N PRO A 83 11.30 -13.90 -13.02
CA PRO A 83 12.23 -14.72 -12.22
C PRO A 83 12.17 -16.20 -12.47
N ASP A 84 11.01 -16.74 -12.87
CA ASP A 84 10.90 -18.16 -13.15
C ASP A 84 11.79 -18.59 -14.31
N LYS A 85 12.03 -17.69 -15.27
CA LYS A 85 12.82 -18.00 -16.46
C LYS A 85 14.09 -17.15 -16.52
N ASN A 86 14.55 -16.68 -15.36
CA ASN A 86 15.79 -15.92 -15.18
C ASN A 86 15.99 -14.87 -16.27
N CYS A 87 14.99 -14.02 -16.49
CA CYS A 87 15.16 -13.01 -17.54
C CYS A 87 14.24 -11.82 -17.30
N ILE A 88 14.54 -10.74 -18.04
CA ILE A 88 13.78 -9.48 -17.98
C ILE A 88 13.64 -8.92 -19.41
N HIS A 89 12.65 -8.07 -19.59
CA HIS A 89 12.38 -7.43 -20.87
C HIS A 89 12.73 -5.95 -20.78
N THR A 90 13.05 -5.33 -21.91
CA THR A 90 13.36 -3.91 -21.90
C THR A 90 12.51 -3.20 -22.94
N ASP A 91 12.43 -1.87 -22.84
CA ASP A 91 11.72 -1.08 -23.85
C ASP A 91 12.48 -0.96 -25.16
N ASP A 92 13.55 -1.74 -25.32
CA ASP A 92 14.21 -1.98 -26.59
C ASP A 92 13.59 -3.13 -27.38
N ASP A 93 12.67 -3.88 -26.77
CA ASP A 93 12.22 -5.17 -27.31
C ASP A 93 13.40 -6.14 -27.32
N GLU A 94 13.99 -6.31 -26.13
CA GLU A 94 15.14 -7.16 -25.90
C GLU A 94 15.00 -7.85 -24.55
N LYS A 95 15.27 -9.15 -24.52
CA LYS A 95 15.34 -9.87 -23.26
C LYS A 95 16.79 -10.02 -22.85
N ILE A 96 17.00 -10.19 -21.54
CA ILE A 96 18.33 -10.32 -20.94
C ILE A 96 18.23 -11.34 -19.81
N SER A 97 19.08 -12.38 -19.83
CA SER A 97 19.04 -13.40 -18.79
C SER A 97 20.18 -13.19 -17.78
N TYR A 98 20.13 -13.98 -16.70
CA TYR A 98 21.05 -13.72 -15.59
C TYR A 98 21.26 -14.97 -14.75
N ARG A 99 22.43 -15.07 -14.14
CA ARG A 99 22.65 -16.01 -13.04
C ARG A 99 22.26 -15.41 -11.67
N TYR A 100 22.54 -14.13 -11.43
CA TYR A 100 22.07 -13.42 -10.25
C TYR A 100 21.49 -12.06 -10.63
N LEU A 101 20.48 -11.62 -9.87
CA LEU A 101 19.75 -10.39 -10.16
C LEU A 101 19.69 -9.50 -8.92
N ILE A 102 20.15 -8.26 -9.04
CA ILE A 102 20.07 -7.27 -7.96
C ILE A 102 19.09 -6.20 -8.41
N ILE A 103 18.05 -5.95 -7.58
CA ILE A 103 17.01 -4.99 -7.94
C ILE A 103 17.19 -3.70 -7.13
N ALA A 104 17.31 -2.58 -7.85
CA ALA A 104 17.66 -1.30 -7.24
C ALA A 104 16.93 -0.16 -7.96
N LEU A 105 15.62 -0.33 -8.18
CA LEU A 105 14.85 0.59 -9.02
C LEU A 105 14.25 1.76 -8.24
N GLY A 106 14.70 2.00 -7.02
CA GLY A 106 14.31 3.12 -6.19
C GLY A 106 12.81 3.20 -5.97
N ILE A 107 12.34 4.41 -5.72
CA ILE A 107 10.93 4.68 -5.53
C ILE A 107 10.48 5.66 -6.62
N GLN A 108 9.17 5.74 -6.81
CA GLN A 108 8.57 6.45 -7.93
C GLN A 108 7.73 7.62 -7.43
N LEU A 109 7.81 8.74 -8.16
CA LEU A 109 7.08 9.96 -7.87
C LEU A 109 5.78 9.99 -8.67
N ASP A 110 4.69 10.35 -7.99
CA ASP A 110 3.34 10.35 -8.57
C ASP A 110 2.68 11.72 -8.39
N TYR A 111 3.34 12.78 -8.87
CA TYR A 111 2.76 14.12 -8.83
C TYR A 111 1.35 14.15 -9.43
N GLU A 112 1.12 13.41 -10.52
CA GLU A 112 -0.17 13.47 -11.19
C GLU A 112 -1.34 12.95 -10.34
N LYS A 113 -1.08 12.28 -9.21
CA LYS A 113 -2.19 11.84 -8.34
C LYS A 113 -2.81 13.01 -7.58
N ILE A 114 -2.10 14.12 -7.45
CA ILE A 114 -2.66 15.37 -6.93
C ILE A 114 -3.30 16.10 -8.10
N LYS A 115 -4.60 16.35 -8.01
CA LYS A 115 -5.25 17.14 -9.05
C LYS A 115 -4.62 18.52 -9.13
N GLY A 116 -4.24 18.92 -10.36
CA GLY A 116 -3.57 20.17 -10.63
C GLY A 116 -2.11 19.99 -10.96
N LEU A 117 -1.52 18.85 -10.58
CA LEU A 117 -0.10 18.65 -10.79
C LEU A 117 0.14 17.64 -11.91
N PRO A 118 1.25 17.75 -12.64
CA PRO A 118 2.31 18.75 -12.55
C PRO A 118 2.09 20.01 -13.39
N GLU A 119 0.94 20.14 -14.05
CA GLU A 119 0.66 21.35 -14.83
C GLU A 119 0.86 22.61 -13.99
N GLY A 120 0.36 22.61 -12.76
CA GLY A 120 0.50 23.75 -11.87
C GLY A 120 1.91 24.26 -11.64
N PHE A 121 2.91 23.38 -11.79
CA PHE A 121 4.30 23.83 -11.61
C PHE A 121 4.72 24.89 -12.64
N ALA A 122 3.95 25.10 -13.71
CA ALA A 122 4.23 26.17 -14.66
C ALA A 122 4.04 27.55 -14.04
N HIS A 123 3.34 27.64 -12.92
CA HIS A 123 3.03 28.88 -12.25
C HIS A 123 4.04 29.16 -11.16
N PRO A 124 4.11 30.41 -10.70
CA PRO A 124 5.05 30.73 -9.62
C PRO A 124 4.47 30.32 -8.27
N LYS A 125 5.30 30.47 -7.24
CA LYS A 125 4.94 30.29 -5.85
C LYS A 125 4.78 28.82 -5.44
N ILE A 126 5.21 27.87 -6.28
CA ILE A 126 5.04 26.45 -5.99
C ILE A 126 6.26 25.68 -6.49
N GLY A 127 6.83 24.83 -5.62
CA GLY A 127 7.97 24.01 -5.97
C GLY A 127 7.94 22.68 -5.24
N SER A 128 8.95 21.85 -5.53
CA SER A 128 9.10 20.53 -4.91
C SER A 128 10.56 20.10 -5.01
N ASN A 129 11.22 19.86 -3.87
CA ASN A 129 12.62 19.46 -3.84
C ASN A 129 12.85 18.04 -4.33
N TYR A 130 11.81 17.31 -4.73
CA TYR A 130 11.95 15.89 -5.02
C TYR A 130 12.15 15.62 -6.51
N SER A 131 12.02 16.62 -7.37
CA SER A 131 12.21 16.43 -8.81
C SER A 131 13.20 17.45 -9.35
N VAL A 132 14.10 16.99 -10.22
CA VAL A 132 15.08 17.88 -10.86
C VAL A 132 14.40 19.01 -11.61
N LYS A 133 13.16 18.79 -12.08
CA LYS A 133 12.40 19.83 -12.78
C LYS A 133 11.81 20.87 -11.85
N THR A 134 11.70 20.59 -10.55
CA THR A 134 11.01 21.52 -9.66
C THR A 134 11.81 22.00 -8.46
N VAL A 135 13.05 21.54 -8.27
CA VAL A 135 13.77 21.89 -7.06
C VAL A 135 14.19 23.36 -7.08
N GLU A 136 14.46 23.90 -8.26
CA GLU A 136 14.80 25.31 -8.33
C GLU A 136 13.59 26.21 -8.16
N LYS A 137 12.38 25.69 -8.45
CA LYS A 137 11.18 26.48 -8.25
C LYS A 137 10.88 26.70 -6.77
N THR A 138 11.34 25.78 -5.91
CA THR A 138 11.25 26.02 -4.47
C THR A 138 12.05 27.26 -4.08
N TRP A 139 13.33 27.28 -4.47
CA TRP A 139 14.19 28.41 -4.18
C TRP A 139 13.59 29.71 -4.73
N LYS A 140 13.15 29.70 -5.99
CA LYS A 140 12.58 30.91 -6.57
C LYS A 140 11.34 31.36 -5.80
N ALA A 141 10.45 30.43 -5.46
CA ALA A 141 9.26 30.79 -4.69
C ALA A 141 9.64 31.39 -3.35
N LEU A 142 10.71 30.84 -2.74
CA LEU A 142 11.20 31.37 -1.48
C LEU A 142 11.77 32.77 -1.65
N GLN A 143 12.44 33.04 -2.78
CA GLN A 143 12.92 34.38 -3.06
C GLN A 143 11.78 35.35 -3.36
N ASP A 144 10.72 34.86 -4.01
CA ASP A 144 9.59 35.72 -4.36
C ASP A 144 8.64 35.97 -3.20
N PHE A 145 8.80 35.27 -2.07
CA PHE A 145 7.80 35.33 -1.00
C PHE A 145 7.72 36.74 -0.44
N LYS A 146 6.48 37.25 -0.34
CA LYS A 146 6.27 38.55 0.31
C LYS A 146 5.43 38.40 1.56
N GLU A 147 4.18 37.91 1.46
CA GLU A 147 3.23 37.88 2.57
C GLU A 147 2.23 36.75 2.40
N GLY A 148 1.93 36.06 3.51
CA GLY A 148 0.89 35.08 3.46
C GLY A 148 1.35 33.73 3.95
N ASN A 149 0.68 32.69 3.47
CA ASN A 149 0.91 31.32 3.91
C ASN A 149 2.06 30.67 3.15
N ALA A 150 3.02 30.10 3.89
CA ALA A 150 4.04 29.19 3.38
C ALA A 150 3.67 27.78 3.82
N ILE A 151 3.22 26.94 2.89
CA ILE A 151 2.65 25.64 3.22
C ILE A 151 3.57 24.53 2.75
N PHE A 152 3.73 23.52 3.61
CA PHE A 152 4.63 22.40 3.42
C PHE A 152 3.85 21.11 3.69
N THR A 153 3.82 20.20 2.71
CA THR A 153 2.98 19.01 2.76
C THR A 153 3.79 17.73 3.00
N PHE A 154 3.07 16.66 3.39
CA PHE A 154 3.58 15.30 3.59
C PHE A 154 2.48 14.28 3.25
N PRO A 155 2.74 13.39 2.30
CA PRO A 155 1.65 12.61 1.70
C PRO A 155 1.31 11.36 2.51
N ASN A 156 0.20 10.75 2.12
CA ASN A 156 -0.25 9.52 2.78
C ASN A 156 0.29 8.29 2.08
N THR A 157 1.56 8.30 1.73
CA THR A 157 2.26 7.18 1.13
C THR A 157 3.59 7.02 1.84
N PRO A 158 4.28 5.89 1.63
CA PRO A 158 5.70 5.82 1.99
C PRO A 158 6.49 6.85 1.18
N VAL A 159 7.61 7.30 1.75
CA VAL A 159 8.44 8.29 1.09
C VAL A 159 9.92 7.89 1.19
N LYS A 160 10.75 8.63 0.45
CA LYS A 160 12.18 8.59 0.72
C LYS A 160 12.58 9.86 1.44
N ALA A 162 12.16 10.69 4.84
CA ALA A 162 11.00 11.22 5.58
C ALA A 162 11.27 12.58 6.23
N GLY A 163 12.54 12.93 6.40
CA GLY A 163 12.91 14.18 7.04
C GLY A 163 12.88 15.40 6.14
N ALA A 164 12.97 15.20 4.83
CA ALA A 164 13.14 16.31 3.89
C ALA A 164 11.91 17.20 3.78
N PRO A 165 10.67 16.68 3.85
CA PRO A 165 9.52 17.60 3.80
C PRO A 165 9.54 18.67 4.87
N GLN A 166 10.24 18.48 6.00
CA GLN A 166 10.32 19.51 7.04
C GLN A 166 11.67 20.20 7.15
N LYS A 167 12.75 19.57 6.69
CA LYS A 167 14.01 20.30 6.57
C LYS A 167 13.81 21.59 5.79
N ILE A 168 13.07 21.52 4.69
CA ILE A 168 12.90 22.72 3.88
C ILE A 168 12.06 23.74 4.63
N MET A 169 11.17 23.29 5.51
CA MET A 169 10.38 24.24 6.28
C MET A 169 11.30 25.06 7.20
N TYR A 170 12.19 24.38 7.93
CA TYR A 170 13.10 25.11 8.81
C TYR A 170 14.02 26.03 8.00
N LEU A 171 14.56 25.53 6.88
CA LEU A 171 15.39 26.36 6.00
C LEU A 171 14.66 27.60 5.53
N SER A 172 13.38 27.47 5.16
CA SER A 172 12.62 28.62 4.69
C SER A 172 12.40 29.62 5.81
N GLU A 173 12.05 29.10 7.00
CA GLU A 173 11.82 29.95 8.16
C GLU A 173 13.06 30.77 8.50
N ALA A 174 14.22 30.12 8.54
CA ALA A 174 15.48 30.84 8.71
C ALA A 174 15.64 31.92 7.65
N TYR A 175 15.46 31.53 6.38
CA TYR A 175 15.58 32.48 5.27
C TYR A 175 14.68 33.70 5.49
N PHE A 176 13.41 33.48 5.88
CA PHE A 176 12.52 34.59 6.22
C PHE A 176 13.13 35.51 7.28
N ARG A 177 13.63 34.93 8.37
CA ARG A 177 14.33 35.74 9.37
C ARG A 177 15.60 36.37 8.79
N LYS A 178 16.39 35.59 8.06
CA LYS A 178 17.59 36.14 7.42
C LYS A 178 17.27 37.35 6.55
N THR A 179 16.11 37.38 5.91
CA THR A 179 15.74 38.45 4.99
C THR A 179 14.66 39.37 5.57
N GLY A 180 14.38 39.26 6.87
CA GLY A 180 13.52 40.21 7.54
C GLY A 180 12.06 40.14 7.19
N LYS A 181 11.59 39.00 6.68
CA LYS A 181 10.18 38.84 6.36
C LYS A 181 9.54 37.73 7.18
N ARG A 182 10.18 37.32 8.28
CA ARG A 182 9.60 36.30 9.15
C ARG A 182 8.26 36.76 9.68
N SER A 183 8.14 38.07 9.95
CA SER A 183 6.90 38.62 10.50
C SER A 183 5.73 38.33 9.60
N LYS A 184 5.94 38.38 8.28
CA LYS A 184 4.87 38.35 7.29
C LYS A 184 4.52 36.96 6.82
N ALA A 185 5.06 35.91 7.43
CA ALA A 185 4.86 34.55 6.98
C ALA A 185 4.15 33.75 8.06
N ASN A 186 3.12 33.00 7.64
CA ASN A 186 2.44 32.00 8.45
C ASN A 186 2.81 30.62 7.93
N ILE A 187 3.48 29.82 8.75
CA ILE A 187 4.22 28.66 8.27
C ILE A 187 3.53 27.40 8.76
N ILE A 188 3.07 26.58 7.82
CA ILE A 188 2.16 25.49 8.10
C ILE A 188 2.78 24.21 7.55
N PHE A 189 2.77 23.16 8.36
CA PHE A 189 3.20 21.82 7.95
C PHE A 189 2.00 20.88 8.06
N ASN A 190 1.46 20.45 6.92
CA ASN A 190 0.30 19.57 6.85
C ASN A 190 0.77 18.16 6.54
N THR A 191 0.71 17.29 7.54
CA THR A 191 1.22 15.93 7.44
C THR A 191 0.06 14.94 7.46
N SER A 192 0.20 13.89 6.66
CA SER A 192 -0.71 12.76 6.80
C SER A 192 -0.46 11.99 8.09
N LEU A 193 0.69 12.18 8.70
CA LEU A 193 1.07 11.33 9.82
C LEU A 193 0.58 11.91 11.13
N GLY A 194 0.66 11.08 12.15
CA GLY A 194 0.27 11.41 13.50
C GLY A 194 1.38 11.98 14.35
N ALA A 195 2.63 12.01 13.86
CA ALA A 195 3.75 12.45 14.68
C ALA A 195 4.80 13.15 13.82
N ILE A 196 5.58 14.04 14.46
CA ILE A 196 6.56 14.80 13.71
C ILE A 196 7.73 13.92 13.25
N PHE A 197 8.07 12.88 14.01
CA PHE A 197 9.15 11.96 13.67
C PHE A 197 8.96 10.68 14.47
N GLY A 198 9.53 9.59 13.95
CA GLY A 198 9.24 8.28 14.47
C GLY A 198 10.13 7.76 15.57
N VAL A 199 11.19 8.48 15.94
CA VAL A 199 12.04 8.12 17.06
C VAL A 199 11.95 9.25 18.09
N LYS A 200 11.65 8.89 19.34
CA LYS A 200 11.24 9.92 20.30
C LYS A 200 12.35 10.92 20.61
N LYS A 201 13.60 10.44 20.71
CA LYS A 201 14.70 11.34 21.06
C LYS A 201 14.73 12.56 20.15
N TYR A 202 14.59 12.32 18.84
CA TYR A 202 14.65 13.37 17.82
C TYR A 202 13.31 14.08 17.63
N ALA A 203 12.19 13.36 17.78
CA ALA A 203 10.88 14.02 17.76
C ALA A 203 10.84 15.14 18.80
N ASP A 204 11.29 14.86 20.02
CA ASP A 204 11.27 15.89 21.07
C ASP A 204 12.12 17.09 20.68
N ALA A 205 13.28 16.86 20.06
CA ALA A 205 14.11 17.98 19.65
C ALA A 205 13.43 18.81 18.56
N LEU A 206 12.75 18.13 17.63
CA LEU A 206 12.00 18.83 16.60
C LEU A 206 10.81 19.56 17.20
N GLN A 207 10.17 18.97 18.20
CA GLN A 207 9.04 19.67 18.81
C GLN A 207 9.51 20.95 19.51
N GLU A 208 10.66 20.89 20.19
CA GLU A 208 11.18 22.09 20.83
C GLU A 208 11.40 23.21 19.82
N ILE A 209 11.86 22.87 18.61
CA ILE A 209 12.09 23.87 17.58
C ILE A 209 10.77 24.38 16.99
N ILE A 210 9.79 23.49 16.81
CA ILE A 210 8.45 23.94 16.41
C ILE A 210 7.90 24.97 17.39
N GLN A 211 8.08 24.73 18.70
CA GLN A 211 7.59 25.67 19.70
C GLN A 211 8.39 26.98 19.68
N GLU A 212 9.71 26.90 19.83
CA GLU A 212 10.51 28.12 19.87
C GLU A 212 10.38 28.94 18.59
N ARG A 213 10.19 28.30 17.44
CA ARG A 213 10.14 29.04 16.19
C ARG A 213 8.71 29.27 15.70
N ASN A 214 7.71 28.96 16.51
CA ASN A 214 6.31 29.26 16.21
C ASN A 214 5.90 28.75 14.83
N LEU A 215 5.99 27.45 14.67
CA LEU A 215 5.48 26.75 13.51
C LEU A 215 4.19 26.02 13.85
N THR A 216 3.22 26.02 12.93
CA THR A 216 2.00 25.24 13.07
C THR A 216 2.10 23.92 12.31
N VAL A 217 1.85 22.81 13.01
CA VAL A 217 1.78 21.47 12.40
C VAL A 217 0.35 20.93 12.56
N ASN A 218 -0.32 20.69 11.42
CA ASN A 218 -1.66 20.11 11.34
C ASN A 218 -1.51 18.65 10.89
N TYR A 219 -1.82 17.73 11.79
CA TYR A 219 -1.67 16.29 11.58
C TYR A 219 -2.89 15.72 10.86
N LYS A 220 -2.67 14.57 10.21
CA LYS A 220 -3.68 13.91 9.37
C LYS A 220 -4.28 14.83 8.31
N LYS A 221 -3.46 15.74 7.75
CA LYS A 221 -3.87 16.54 6.60
C LYS A 221 -3.15 16.07 5.35
N ASN A 222 -3.90 15.73 4.30
CA ASN A 222 -3.31 15.24 3.07
C ASN A 222 -3.69 16.15 1.90
N LEU A 223 -2.67 16.71 1.22
CA LEU A 223 -2.88 17.46 0.00
C LEU A 223 -3.50 16.60 -1.07
N ILE A 224 -4.61 17.06 -1.63
CA ILE A 224 -5.28 16.33 -2.71
C ILE A 224 -5.44 17.16 -3.97
N GLU A 225 -5.38 18.49 -3.90
CA GLU A 225 -5.58 19.30 -5.10
C GLU A 225 -4.85 20.64 -4.99
N VAL A 226 -4.18 21.01 -6.08
CA VAL A 226 -3.55 22.31 -6.22
C VAL A 226 -4.26 23.05 -7.35
N ARG A 227 -4.56 24.32 -7.12
CA ARG A 227 -5.09 25.23 -8.14
C ARG A 227 -4.10 26.37 -8.30
N ALA A 228 -3.02 26.08 -9.03
CA ALA A 228 -1.91 27.02 -9.17
C ALA A 228 -2.37 28.40 -9.63
N ASP A 229 -3.29 28.44 -10.60
CA ASP A 229 -3.84 29.71 -11.11
C ASP A 229 -4.35 30.59 -9.97
N LYS A 230 -5.18 30.03 -9.08
CA LYS A 230 -5.79 30.77 -7.99
C LYS A 230 -4.96 30.75 -6.71
N GLN A 231 -3.83 30.04 -6.71
CA GLN A 231 -2.99 29.85 -5.52
C GLN A 231 -3.79 29.38 -4.31
N GLU A 232 -4.59 28.34 -4.52
CA GLU A 232 -5.29 27.66 -3.44
C GLU A 232 -4.73 26.25 -3.33
N ALA A 233 -4.94 25.62 -2.17
CA ALA A 233 -4.65 24.20 -2.03
C ALA A 233 -5.76 23.55 -1.21
N VAL A 234 -6.11 22.32 -1.60
CA VAL A 234 -7.20 21.55 -0.99
C VAL A 234 -6.60 20.38 -0.23
N PHE A 235 -6.90 20.32 1.08
CA PHE A 235 -6.43 19.26 1.96
C PHE A 235 -7.60 18.42 2.44
N GLU A 236 -7.40 17.11 2.55
CA GLU A 236 -8.41 16.22 3.10
C GLU A 236 -8.06 15.86 4.53
N ASN A 237 -9.08 15.72 5.37
CA ASN A 237 -8.92 15.31 6.75
C ASN A 237 -9.01 13.79 6.84
N LEU A 238 -7.91 13.13 7.22
CA LEU A 238 -7.92 11.66 7.30
C LEU A 238 -8.68 11.11 8.51
N ASP A 239 -8.96 11.92 9.53
CA ASP A 239 -9.72 11.48 10.71
C ASP A 239 -11.23 11.57 10.49
N LYS A 240 -11.67 12.55 9.69
CA LYS A 240 -13.08 12.70 9.34
C LYS A 240 -13.19 12.51 7.83
N PRO A 241 -13.27 11.25 7.36
CA PRO A 241 -13.40 10.99 5.92
C PRO A 241 -14.50 11.81 5.30
N GLY A 242 -14.13 12.59 4.29
CA GLY A 242 -15.07 13.29 3.44
C GLY A 242 -14.96 14.80 3.49
N GLU A 243 -14.52 15.34 4.62
CA GLU A 243 -14.39 16.78 4.68
C GLU A 243 -13.02 17.24 4.18
N THR A 244 -12.98 18.47 3.67
CA THR A 244 -11.80 19.04 3.07
C THR A 244 -11.67 20.49 3.49
N GLN A 245 -10.51 21.08 3.22
CA GLN A 245 -10.25 22.46 3.55
C GLN A 245 -9.50 23.12 2.41
N VAL A 246 -9.98 24.30 1.99
CA VAL A 246 -9.33 25.08 0.95
C VAL A 246 -8.56 26.20 1.63
N ILE A 247 -7.31 26.42 1.23
CA ILE A 247 -6.45 27.40 1.89
C ILE A 247 -5.51 28.01 0.86
N SER A 248 -5.39 29.34 0.87
CA SER A 248 -4.50 30.00 -0.07
C SER A 248 -3.05 29.93 0.41
N TYR A 249 -2.11 30.05 -0.52
CA TYR A 249 -0.70 30.07 -0.16
C TYR A 249 0.01 31.16 -0.93
N GLU A 250 1.09 31.68 -0.32
CA GLU A 250 2.10 32.51 -0.97
C GLU A 250 3.34 31.72 -1.37
N MET A 251 3.55 30.53 -0.79
CA MET A 251 4.55 29.54 -1.16
C MET A 251 4.05 28.16 -0.75
N LEU A 252 4.27 27.18 -1.62
CA LEU A 252 3.82 25.81 -1.39
C LEU A 252 4.94 24.87 -1.83
N HIS A 253 5.40 24.03 -0.92
CA HIS A 253 6.37 22.99 -1.25
C HIS A 253 5.65 21.66 -1.19
N VAL A 254 5.57 20.98 -2.34
CA VAL A 254 4.81 19.73 -2.44
C VAL A 254 5.75 18.56 -2.25
N THR A 255 5.47 17.72 -1.25
CA THR A 255 6.04 16.38 -1.25
C THR A 255 5.07 15.44 -1.97
N PRO A 256 5.46 14.86 -3.11
CA PRO A 256 4.49 14.12 -3.91
C PRO A 256 4.16 12.79 -3.28
N PRO A 257 2.98 12.23 -3.58
CA PRO A 257 2.76 10.82 -3.27
C PRO A 257 3.80 9.99 -4.01
N MET A 258 4.13 8.85 -3.39
CA MET A 258 5.18 7.98 -3.89
C MET A 258 4.73 6.55 -3.73
N SER A 259 5.38 5.66 -4.49
CA SER A 259 4.93 4.28 -4.61
C SER A 259 5.99 3.42 -5.27
N PRO A 260 5.86 2.08 -5.25
CA PRO A 260 6.80 1.25 -5.99
C PRO A 260 6.81 1.64 -7.46
N PRO A 261 7.91 1.39 -8.16
CA PRO A 261 7.92 1.60 -9.61
C PRO A 261 6.87 0.72 -10.29
N ASP A 262 6.10 1.32 -11.19
CA ASP A 262 5.03 0.65 -11.93
C ASP A 262 5.40 -0.77 -12.37
N VAL A 263 6.62 -0.95 -12.90
CA VAL A 263 7.05 -2.25 -13.41
C VAL A 263 7.08 -3.30 -12.29
N LEU A 264 7.36 -2.90 -11.05
CA LEU A 264 7.36 -3.82 -9.92
C LEU A 264 5.97 -4.08 -9.34
N LYS A 265 5.05 -3.10 -9.45
CA LYS A 265 3.73 -3.20 -8.81
C LYS A 265 3.00 -4.49 -9.14
N THR A 266 3.13 -4.97 -10.38
CA THR A 266 2.43 -6.17 -10.82
C THR A 266 3.39 -7.32 -11.04
N SER A 267 4.50 -7.28 -10.45
CA SER A 267 5.52 -8.25 -10.85
C SER A 267 5.54 -9.44 -9.90
N PRO A 268 5.94 -10.63 -10.36
CA PRO A 268 6.07 -11.76 -9.42
C PRO A 268 7.05 -11.50 -8.29
N VAL A 269 8.03 -10.60 -8.47
CA VAL A 269 9.03 -10.41 -7.41
C VAL A 269 8.55 -9.47 -6.33
N ALA A 270 7.40 -8.82 -6.50
CA ALA A 270 6.89 -7.92 -5.46
C ALA A 270 6.05 -8.69 -4.45
N ASP A 271 5.90 -8.11 -3.25
CA ASP A 271 4.94 -8.62 -2.29
C ASP A 271 3.54 -8.16 -2.74
N ALA A 272 2.53 -8.37 -1.90
CA ALA A 272 1.18 -7.96 -2.30
C ALA A 272 1.09 -6.45 -2.53
N ALA A 273 1.93 -5.66 -1.85
CA ALA A 273 1.89 -4.20 -1.94
C ALA A 273 2.77 -3.63 -3.04
N GLY A 274 3.61 -4.44 -3.67
CA GLY A 274 4.43 -4.02 -4.79
C GLY A 274 5.89 -3.84 -4.49
N TRP A 275 6.29 -3.88 -3.24
CA TRP A 275 7.70 -3.75 -2.90
C TRP A 275 8.40 -5.09 -3.10
N VAL A 276 9.70 -5.01 -3.45
CA VAL A 276 10.51 -6.21 -3.61
C VAL A 276 10.54 -6.98 -2.28
N ASP A 277 10.09 -8.22 -2.34
CA ASP A 277 9.85 -9.04 -1.15
C ASP A 277 11.17 -9.71 -0.81
N VAL A 278 11.89 -9.19 0.20
CA VAL A 278 13.18 -9.79 0.56
C VAL A 278 13.21 -10.16 2.03
N ASP A 279 14.14 -11.05 2.36
CA ASP A 279 14.45 -11.34 3.76
C ASP A 279 15.01 -10.09 4.45
N LYS A 280 14.41 -9.73 5.58
CA LYS A 280 14.78 -8.46 6.22
C LYS A 280 16.15 -8.47 6.92
N GLU A 281 16.76 -9.65 7.13
CA GLU A 281 18.13 -9.74 7.60
C GLU A 281 19.20 -9.82 6.49
N THR A 282 18.98 -10.64 5.45
CA THR A 282 20.01 -10.92 4.45
C THR A 282 19.81 -10.24 3.09
N LEU A 283 18.65 -9.61 2.86
CA LEU A 283 18.27 -8.94 1.61
C LEU A 283 18.13 -9.92 0.46
N GLN A 284 18.16 -11.21 0.74
CA GLN A 284 17.82 -12.22 -0.24
C GLN A 284 16.30 -12.32 -0.44
N HIS A 285 15.90 -12.61 -1.66
CA HIS A 285 14.48 -12.72 -1.95
C HIS A 285 13.85 -13.92 -1.22
N ARG A 286 12.59 -13.72 -0.82
CA ARG A 286 11.91 -14.72 0.00
C ARG A 286 11.49 -15.94 -0.81
N ARG A 287 11.26 -15.76 -2.11
CA ARG A 287 10.76 -16.83 -2.96
C ARG A 287 11.72 -17.27 -4.07
N TYR A 288 12.63 -16.40 -4.49
CA TYR A 288 13.59 -16.71 -5.54
C TYR A 288 15.02 -16.56 -5.00
N PRO A 289 15.74 -17.66 -4.77
CA PRO A 289 17.04 -17.57 -4.08
C PRO A 289 18.12 -16.81 -4.83
N ASN A 290 17.96 -16.55 -6.13
CA ASN A 290 18.96 -15.85 -6.92
C ASN A 290 18.58 -14.42 -7.22
N VAL A 291 17.60 -13.87 -6.50
CA VAL A 291 17.24 -12.46 -6.60
C VAL A 291 17.52 -11.81 -5.25
N PHE A 292 18.01 -10.59 -5.31
CA PHE A 292 18.33 -9.79 -4.14
C PHE A 292 17.83 -8.38 -4.42
N GLY A 293 17.66 -7.61 -3.36
CA GLY A 293 17.14 -6.26 -3.49
C GLY A 293 17.82 -5.31 -2.52
N ILE A 294 17.93 -4.05 -2.95
CA ILE A 294 18.53 -3.01 -2.14
C ILE A 294 17.77 -1.71 -2.39
N GLY A 295 17.66 -0.89 -1.33
CA GLY A 295 17.25 0.51 -1.47
C GLY A 295 15.75 0.73 -1.41
N ASP A 296 15.34 1.85 -2.04
CA ASP A 296 14.00 2.38 -1.85
C ASP A 296 12.92 1.47 -2.37
N CYS A 297 13.26 0.57 -3.30
CA CYS A 297 12.27 -0.30 -3.93
C CYS A 297 11.97 -1.55 -3.12
N THR A 298 12.57 -1.71 -1.94
CA THR A 298 12.43 -2.93 -1.15
C THR A 298 11.40 -2.79 -0.03
N ASN A 299 11.07 -3.93 0.58
CA ASN A 299 10.13 -3.97 1.70
C ASN A 299 10.84 -3.98 3.04
N LEU A 300 12.06 -3.51 3.06
CA LEU A 300 12.81 -3.44 4.31
C LEU A 300 12.13 -2.45 5.24
N PRO A 301 11.62 -2.86 6.39
CA PRO A 301 10.82 -1.93 7.18
C PRO A 301 11.70 -0.98 7.98
N THR A 302 12.32 -0.05 7.28
CA THR A 302 13.07 1.03 7.89
C THR A 302 13.03 2.21 6.93
N SER A 303 13.62 3.33 7.37
CA SER A 303 13.64 4.54 6.55
C SER A 303 14.32 4.32 5.20
N LYS A 304 13.77 4.93 4.16
CA LYS A 304 14.30 4.85 2.81
C LYS A 304 15.26 6.01 2.62
N THR A 305 16.57 5.74 2.76
CA THR A 305 17.63 6.74 2.66
C THR A 305 18.84 6.12 1.98
N ALA A 306 19.75 6.99 1.49
CA ALA A 306 21.01 6.48 0.94
C ALA A 306 21.94 5.95 2.02
N ALA A 307 21.91 6.51 3.25
CA ALA A 307 22.68 5.92 4.33
C ALA A 307 22.30 4.46 4.53
N ALA A 308 21.00 4.16 4.45
CA ALA A 308 20.52 2.79 4.52
C ALA A 308 21.07 1.97 3.35
N VAL A 309 21.02 2.51 2.13
CA VAL A 309 21.61 1.81 1.00
C VAL A 309 23.06 1.45 1.30
N ALA A 310 23.81 2.39 1.89
CA ALA A 310 25.20 2.12 2.21
C ALA A 310 25.33 0.97 3.19
N ALA A 311 24.58 1.02 4.30
CA ALA A 311 24.65 -0.05 5.28
C ALA A 311 24.15 -1.37 4.71
N GLN A 312 23.08 -1.35 3.89
CA GLN A 312 22.62 -2.60 3.29
C GLN A 312 23.62 -3.16 2.28
N SER A 313 24.32 -2.28 1.54
CA SER A 313 25.25 -2.76 0.51
C SER A 313 26.41 -3.57 1.10
N GLY A 314 26.84 -3.25 2.32
CA GLY A 314 27.83 -4.10 2.98
C GLY A 314 27.28 -5.46 3.36
N ILE A 315 26.03 -5.50 3.81
CA ILE A 315 25.39 -6.77 4.12
C ILE A 315 25.21 -7.58 2.84
N LEU A 316 24.64 -6.95 1.81
CA LEU A 316 24.30 -7.69 0.59
C LEU A 316 25.54 -8.29 -0.06
N ASP A 317 26.64 -7.55 -0.05
CA ASP A 317 27.93 -8.07 -0.50
C ASP A 317 28.25 -9.40 0.18
N ARG A 318 28.25 -9.41 1.51
CA ARG A 318 28.50 -10.64 2.25
C ARG A 318 27.43 -11.69 1.93
N THR A 319 26.16 -11.28 1.76
CA THR A 319 25.10 -12.25 1.47
C THR A 319 25.35 -12.96 0.15
N ILE A 320 25.70 -12.21 -0.89
CA ILE A 320 25.81 -12.81 -2.21
C ILE A 320 27.04 -13.72 -2.30
N SER A 321 28.17 -13.29 -1.70
CA SER A 321 29.35 -14.16 -1.69
C SER A 321 29.04 -15.51 -1.05
N VAL A 322 28.40 -15.48 0.13
CA VAL A 322 28.02 -16.71 0.80
C VAL A 322 27.05 -17.52 -0.05
N ILE A 323 26.18 -16.86 -0.81
CA ILE A 323 25.24 -17.59 -1.66
C ILE A 323 25.99 -18.24 -2.84
N MET A 324 26.97 -17.54 -3.38
CA MET A 324 27.69 -18.11 -4.52
C MET A 324 28.47 -19.34 -4.12
N LYS A 325 28.85 -19.44 -2.85
CA LYS A 325 29.55 -20.59 -2.32
C LYS A 325 28.58 -21.61 -1.75
N ASN A 326 27.28 -21.42 -2.01
CA ASN A 326 26.25 -22.35 -1.58
C ASN A 326 26.29 -22.58 -0.07
N GLN A 327 26.43 -21.49 0.68
CA GLN A 327 26.35 -21.59 2.13
C GLN A 327 25.14 -20.79 2.61
N THR A 328 24.90 -20.85 3.89
CA THR A 328 23.79 -20.12 4.49
C THR A 328 24.30 -18.77 4.98
N PRO A 329 23.60 -17.66 4.69
CA PRO A 329 24.06 -16.37 5.20
C PRO A 329 24.01 -16.32 6.72
N THR A 330 24.97 -15.61 7.30
CA THR A 330 24.98 -15.40 8.75
C THR A 330 25.07 -13.95 9.18
N LYS A 331 25.56 -13.04 8.36
CA LYS A 331 25.56 -11.63 8.73
C LYS A 331 24.19 -11.02 8.51
N LYS A 332 23.72 -10.26 9.50
CA LYS A 332 22.34 -9.80 9.57
C LYS A 332 22.31 -8.28 9.45
N TYR A 333 21.47 -7.78 8.55
CA TYR A 333 21.15 -6.36 8.55
C TYR A 333 20.31 -6.02 9.78
N ASP A 334 20.65 -4.90 10.42
CA ASP A 334 19.96 -4.46 11.63
C ASP A 334 18.95 -3.34 11.38
N GLY A 335 18.84 -2.85 10.14
CA GLY A 335 17.93 -1.76 9.86
C GLY A 335 18.53 -0.38 10.01
N TYR A 336 19.86 -0.28 10.07
CA TYR A 336 20.51 1.01 10.21
C TYR A 336 20.05 1.98 9.14
N THR A 337 19.81 3.22 9.55
CA THR A 337 19.47 4.30 8.65
C THR A 337 19.85 5.61 9.34
N SER A 338 19.80 6.71 8.60
CA SER A 338 20.14 7.99 9.20
C SER A 338 19.50 9.13 8.41
N CYS A 339 19.06 10.16 9.13
CA CYS A 339 18.39 11.32 8.52
C CYS A 339 19.02 12.59 9.06
N PRO A 340 19.89 13.22 8.33
CA PRO A 340 20.44 14.49 8.80
C PRO A 340 19.42 15.59 8.71
N LEU A 341 18.73 15.87 9.82
CA LEU A 341 17.68 16.89 9.86
C LEU A 341 18.32 18.28 9.85
N VAL A 342 18.47 18.86 8.66
CA VAL A 342 18.89 20.26 8.56
C VAL A 342 17.83 21.13 9.21
N THR A 343 18.20 21.83 10.29
CA THR A 343 17.28 22.68 11.04
C THR A 343 17.58 24.15 10.84
N GLY A 344 18.42 24.48 9.89
CA GLY A 344 18.88 25.83 9.67
C GLY A 344 20.10 25.76 8.80
N TYR A 345 20.54 26.92 8.32
CA TYR A 345 21.63 26.95 7.34
C TYR A 345 22.99 26.58 7.90
N ASN A 346 23.13 26.35 9.21
CA ASN A 346 24.41 25.94 9.75
C ASN A 346 24.33 24.84 10.80
N ARG A 347 23.15 24.28 11.07
CA ARG A 347 22.99 23.27 12.12
C ARG A 347 22.28 22.05 11.56
N VAL A 348 22.57 20.87 12.13
CA VAL A 348 21.96 19.60 11.73
C VAL A 348 21.77 18.72 12.97
N ILE A 349 20.61 18.06 13.06
CA ILE A 349 20.36 17.03 14.07
C ILE A 349 20.57 15.69 13.37
N LEU A 350 21.71 15.06 13.61
CA LEU A 350 22.02 13.80 12.92
C LEU A 350 21.29 12.66 13.63
N ALA A 351 20.14 12.29 13.09
CA ALA A 351 19.35 11.19 13.61
C ALA A 351 19.86 9.86 13.05
N GLU A 352 20.13 8.89 13.94
CA GLU A 352 20.53 7.54 13.53
C GLU A 352 19.79 6.51 14.37
N PHE A 353 19.30 5.45 13.72
CA PHE A 353 18.55 4.40 14.41
C PHE A 353 18.56 3.15 13.53
N ASP A 354 17.82 2.15 14.00
CA ASP A 354 17.79 0.81 13.38
C ASP A 354 16.36 0.28 13.44
N TYR A 355 16.23 -1.04 13.28
CA TYR A 355 14.93 -1.69 13.15
C TYR A 355 14.06 -1.53 14.38
N LYS A 356 14.67 -1.40 15.56
CA LYS A 356 13.90 -1.13 16.78
C LYS A 356 13.37 0.31 16.83
N ALA A 357 13.71 1.16 15.87
CA ALA A 357 13.34 2.58 15.93
C ALA A 357 13.86 3.25 17.19
N GLU A 358 15.04 2.83 17.66
CA GLU A 358 15.72 3.41 18.80
C GLU A 358 17.08 3.97 18.38
N PRO A 359 17.59 4.98 19.08
CA PRO A 359 18.84 5.63 18.64
C PRO A 359 20.03 4.67 18.61
N LEU A 360 20.85 4.79 17.54
CA LEU A 360 22.09 4.01 17.34
C LEU A 360 23.18 4.96 16.81
N GLU A 361 23.59 5.90 17.65
CA GLU A 361 24.42 7.01 17.20
C GLU A 361 25.90 6.63 17.11
N THR A 362 26.59 7.24 16.16
CA THR A 362 27.97 6.87 15.85
C THR A 362 29.00 7.65 16.65
N PHE A 363 28.76 8.93 16.86
CA PHE A 363 29.72 9.77 17.55
C PHE A 363 29.44 9.79 19.05
N PRO A 364 30.48 9.98 19.87
CA PRO A 364 30.32 9.84 21.32
C PRO A 364 29.46 10.92 21.95
N PHE A 365 29.32 12.07 21.31
CA PHE A 365 28.45 13.11 21.83
C PHE A 365 26.98 12.85 21.42
N ASP A 366 26.12 13.81 21.73
CA ASP A 366 24.68 13.64 21.62
C ASP A 366 24.21 14.35 20.36
N GLN A 367 23.71 13.56 19.40
CA GLN A 367 23.25 14.07 18.12
C GLN A 367 21.82 14.55 18.17
N SER A 368 21.17 14.48 19.34
CA SER A 368 19.87 15.11 19.53
C SER A 368 19.94 16.63 19.40
N LYS A 369 21.14 17.21 19.48
CA LYS A 369 21.32 18.65 19.52
C LYS A 369 21.75 19.19 18.16
N GLU A 370 21.27 20.39 17.83
CA GLU A 370 21.71 21.04 16.60
C GLU A 370 23.23 21.25 16.65
N ARG A 371 23.91 20.92 15.55
CA ARG A 371 25.37 20.98 15.54
C ARG A 371 25.91 21.54 14.23
N LEU A 372 26.92 22.39 14.34
CA LEU A 372 27.57 22.89 13.13
C LEU A 372 28.41 21.80 12.48
N SER A 373 29.14 21.02 13.29
CA SER A 373 29.91 19.90 12.75
C SER A 373 29.06 19.03 11.84
N MET A 374 27.88 18.63 12.32
CA MET A 374 27.05 17.69 11.55
C MET A 374 26.48 18.33 10.30
N TYR A 375 26.33 19.65 10.27
CA TYR A 375 25.92 20.32 9.05
C TYR A 375 27.02 20.27 7.98
N LEU A 376 28.24 20.67 8.34
CA LEU A 376 29.34 20.61 7.39
C LEU A 376 29.50 19.21 6.82
N MET A 377 29.36 18.18 7.66
CA MET A 377 29.53 16.83 7.17
C MET A 377 28.44 16.49 6.17
N LYS A 378 27.20 16.92 6.43
CA LYS A 378 26.09 16.69 5.51
C LYS A 378 26.30 17.43 4.19
N ALA A 379 26.76 18.68 4.27
CA ALA A 379 26.79 19.52 3.10
C ALA A 379 28.05 19.38 2.24
N ASP A 380 29.20 19.07 2.85
CA ASP A 380 30.45 19.05 2.11
C ASP A 380 31.15 17.69 2.13
N LEU A 381 31.29 17.06 3.29
CA LEU A 381 31.96 15.77 3.35
C LEU A 381 31.16 14.67 2.64
N MET A 382 29.83 14.63 2.85
CA MET A 382 29.02 13.51 2.38
C MET A 382 28.92 13.42 0.86
N PRO A 383 28.74 14.51 0.11
CA PRO A 383 28.77 14.38 -1.36
C PRO A 383 30.11 13.91 -1.87
N PHE A 384 31.21 14.40 -1.28
CA PHE A 384 32.54 13.96 -1.69
C PHE A 384 32.73 12.46 -1.46
N LEU A 385 32.41 11.98 -0.25
CA LEU A 385 32.48 10.55 0.03
C LEU A 385 31.53 9.75 -0.85
N TYR A 386 30.39 10.33 -1.22
CA TYR A 386 29.45 9.63 -2.09
C TYR A 386 30.07 9.40 -3.45
N TRP A 387 30.48 10.50 -4.11
CA TRP A 387 31.06 10.38 -5.44
C TRP A 387 32.32 9.55 -5.41
N ASN A 388 33.12 9.63 -4.34
CA ASN A 388 34.43 8.99 -4.34
C ASN A 388 34.53 7.69 -3.54
N MET A 389 33.60 7.40 -2.63
CA MET A 389 33.76 6.20 -1.83
C MET A 389 32.58 5.25 -1.94
N MET A 390 31.36 5.74 -1.73
CA MET A 390 30.20 4.89 -1.84
C MET A 390 30.05 4.34 -3.27
N LEU A 391 30.12 5.21 -4.28
CA LEU A 391 29.93 4.71 -5.64
C LEU A 391 31.07 3.81 -6.11
N ARG A 392 32.19 3.77 -5.40
CA ARG A 392 33.27 2.85 -5.74
C ARG A 392 33.23 1.56 -4.95
N GLY A 393 32.19 1.36 -4.12
CA GLY A 393 32.05 0.14 -3.34
C GLY A 393 32.84 0.10 -2.04
N TYR A 394 33.26 1.24 -1.51
CA TYR A 394 34.12 1.31 -0.34
C TYR A 394 33.44 1.96 0.86
N TRP A 395 32.13 2.20 0.80
CA TRP A 395 31.39 2.67 1.95
C TRP A 395 30.22 1.73 2.22
N GLY A 396 30.15 1.20 3.43
CA GLY A 396 29.04 0.35 3.80
C GLY A 396 28.48 0.68 5.17
N GLY A 397 28.44 1.98 5.49
CA GLY A 397 27.91 2.43 6.75
C GLY A 397 29.02 2.70 7.78
N PRO A 398 28.67 3.40 8.84
CA PRO A 398 29.70 3.85 9.77
C PRO A 398 29.79 3.07 11.08
N ALA A 399 29.29 1.82 11.11
CA ALA A 399 29.29 1.06 12.34
C ALA A 399 30.70 0.67 12.80
N PHE A 400 31.67 0.54 11.89
CA PHE A 400 33.05 0.33 12.32
C PHE A 400 33.57 1.54 13.10
N LEU A 401 33.24 2.74 12.65
CA LEU A 401 33.68 3.94 13.35
C LEU A 401 32.98 4.07 14.69
N ARG A 402 31.73 3.61 14.78
CA ARG A 402 31.01 3.61 16.05
C ARG A 402 31.64 2.63 17.02
N LYS A 403 31.88 1.40 16.58
CA LYS A 403 32.60 0.45 17.41
C LYS A 403 34.02 0.92 17.71
N LEU A 404 34.65 1.67 16.79
CA LEU A 404 35.99 2.21 17.05
C LEU A 404 35.99 3.11 18.28
N PHE A 405 34.92 3.89 18.48
CA PHE A 405 34.79 4.73 19.66
C PHE A 405 34.41 3.84 20.85
N HIS A 406 35.38 3.03 21.25
CA HIS A 406 35.21 2.12 22.38
C HIS A 406 36.55 2.02 23.08
N LEU A 407 36.65 2.65 24.24
CA LEU A 407 37.90 2.75 24.98
C LEU A 407 37.81 1.98 26.30
N ASN B 2 -17.00 0.73 -30.50
CA ASN B 2 -18.23 0.63 -29.74
C ASN B 2 -18.33 1.65 -28.61
N HIS B 3 -19.58 2.00 -28.25
CA HIS B 3 -19.85 3.11 -27.36
C HIS B 3 -21.15 2.87 -26.59
N TYR B 4 -21.18 3.29 -25.34
CA TYR B 4 -22.30 3.10 -24.43
C TYR B 4 -22.41 4.33 -23.56
N GLU B 5 -23.63 4.77 -23.28
CA GLU B 5 -23.78 5.89 -22.37
C GLU B 5 -23.13 5.57 -21.03
N VAL B 6 -23.27 4.32 -20.58
CA VAL B 6 -22.77 3.87 -19.29
C VAL B 6 -22.08 2.53 -19.52
N LEU B 7 -20.81 2.45 -19.16
CA LEU B 7 -20.02 1.25 -19.28
C LEU B 7 -19.59 0.82 -17.87
N VAL B 8 -19.91 -0.41 -17.51
CA VAL B 8 -19.67 -0.90 -16.15
C VAL B 8 -18.55 -1.93 -16.22
N LEU B 9 -17.50 -1.72 -15.41
CA LEU B 9 -16.41 -2.69 -15.29
C LEU B 9 -16.63 -3.54 -14.03
N GLY B 10 -16.90 -4.83 -14.23
CA GLY B 10 -17.14 -5.75 -13.14
C GLY B 10 -18.59 -6.21 -13.02
N GLY B 11 -18.79 -7.53 -12.95
CA GLY B 11 -20.10 -8.16 -12.89
C GLY B 11 -20.31 -8.91 -11.59
N GLY B 12 -19.67 -8.39 -10.54
CA GLY B 12 -19.87 -8.86 -9.19
C GLY B 12 -20.98 -8.09 -8.51
N SER B 13 -20.84 -7.90 -7.21
CA SER B 13 -21.96 -7.36 -6.43
C SER B 13 -22.26 -5.92 -6.82
N GLY B 14 -21.26 -5.04 -6.75
CA GLY B 14 -21.48 -3.65 -7.14
C GLY B 14 -21.80 -3.48 -8.62
N GLY B 15 -21.23 -4.32 -9.48
CA GLY B 15 -21.39 -4.10 -10.92
C GLY B 15 -22.81 -4.35 -11.39
N ILE B 16 -23.38 -5.50 -10.97
CA ILE B 16 -24.73 -5.84 -11.34
C ILE B 16 -25.73 -4.86 -10.73
N THR B 17 -25.49 -4.48 -9.48
CA THR B 17 -26.40 -3.57 -8.78
C THR B 17 -26.50 -2.23 -9.50
N MET B 18 -25.35 -1.69 -9.94
CA MET B 18 -25.34 -0.41 -10.64
C MET B 18 -25.94 -0.52 -12.03
N ALA B 19 -25.67 -1.62 -12.74
CA ALA B 19 -26.24 -1.78 -14.07
C ALA B 19 -27.75 -1.94 -13.99
N ALA B 20 -28.24 -2.65 -12.96
CA ALA B 20 -29.67 -2.70 -12.72
C ALA B 20 -30.22 -1.28 -12.53
N ARG B 21 -29.58 -0.49 -11.67
CA ARG B 21 -30.07 0.86 -11.43
C ARG B 21 -29.90 1.74 -12.65
N MET B 22 -28.82 1.55 -13.42
CA MET B 22 -28.58 2.42 -14.55
C MET B 22 -29.57 2.14 -15.68
N LYS B 23 -29.98 0.88 -15.84
CA LYS B 23 -30.96 0.55 -16.87
C LYS B 23 -32.21 1.41 -16.72
N ARG B 24 -32.67 1.62 -15.50
CA ARG B 24 -33.86 2.43 -15.29
C ARG B 24 -33.62 3.90 -15.55
N LYS B 25 -32.37 4.33 -15.65
CA LYS B 25 -32.08 5.75 -15.82
C LYS B 25 -31.79 6.13 -17.27
N VAL B 26 -30.96 5.37 -17.98
CA VAL B 26 -30.61 5.70 -19.37
C VAL B 26 -31.13 4.68 -20.37
N GLY B 27 -31.78 3.60 -19.92
CA GLY B 27 -32.24 2.55 -20.82
C GLY B 27 -31.28 1.37 -20.92
N ALA B 28 -31.82 0.14 -20.91
CA ALA B 28 -30.96 -1.04 -20.90
C ALA B 28 -30.09 -1.14 -22.15
N GLU B 29 -30.55 -0.60 -23.28
CA GLU B 29 -29.78 -0.72 -24.50
C GLU B 29 -28.61 0.26 -24.55
N ASN B 30 -28.45 1.10 -23.52
CA ASN B 30 -27.36 2.06 -23.43
C ASN B 30 -26.39 1.74 -22.30
N VAL B 31 -26.50 0.55 -21.69
CA VAL B 31 -25.59 0.10 -20.65
C VAL B 31 -24.92 -1.18 -21.10
N ALA B 32 -23.63 -1.32 -20.80
CA ALA B 32 -22.90 -2.57 -20.99
C ALA B 32 -22.07 -2.93 -19.76
N ILE B 33 -21.88 -4.22 -19.56
CA ILE B 33 -21.09 -4.78 -18.46
C ILE B 33 -19.95 -5.59 -19.04
N VAL B 34 -18.74 -5.34 -18.54
CA VAL B 34 -17.56 -6.13 -18.91
C VAL B 34 -17.17 -6.97 -17.70
N GLU B 35 -17.41 -8.27 -17.79
CA GLU B 35 -17.10 -9.19 -16.70
C GLU B 35 -16.68 -10.51 -17.30
N PRO B 36 -15.51 -11.05 -16.92
CA PRO B 36 -15.03 -12.27 -17.58
C PRO B 36 -15.57 -13.56 -17.03
N SER B 37 -16.05 -13.60 -15.79
CA SER B 37 -16.36 -14.89 -15.19
C SER B 37 -17.76 -15.36 -15.56
N GLU B 38 -17.90 -16.68 -15.64
CA GLU B 38 -19.17 -17.28 -15.98
C GLU B 38 -20.15 -17.31 -14.84
N ARG B 39 -19.67 -17.21 -13.60
CA ARG B 39 -20.51 -17.33 -12.43
C ARG B 39 -20.46 -16.06 -11.61
N HIS B 40 -21.57 -15.80 -10.94
CA HIS B 40 -21.69 -14.71 -9.97
C HIS B 40 -21.95 -15.31 -8.60
N PHE B 41 -21.14 -14.93 -7.61
CA PHE B 41 -21.16 -15.59 -6.31
C PHE B 41 -21.62 -14.65 -5.20
N TYR B 42 -22.55 -15.14 -4.38
CA TYR B 42 -22.86 -14.47 -3.13
C TYR B 42 -21.82 -14.91 -2.09
N GLN B 43 -20.68 -14.22 -2.13
CA GLN B 43 -19.53 -14.65 -1.34
C GLN B 43 -19.78 -14.73 0.16
N PRO B 44 -20.66 -13.94 0.78
CA PRO B 44 -20.79 -14.00 2.24
C PRO B 44 -21.13 -15.36 2.82
N ILE B 45 -21.80 -16.24 2.06
CA ILE B 45 -22.19 -17.52 2.65
C ILE B 45 -21.02 -18.49 2.67
N TRP B 46 -19.90 -18.12 2.05
CA TRP B 46 -18.74 -19.01 2.02
C TRP B 46 -18.20 -19.30 3.41
N THR B 47 -18.32 -18.35 4.34
CA THR B 47 -17.99 -18.63 5.74
C THR B 47 -18.70 -19.88 6.25
N LEU B 48 -20.02 -19.97 6.01
CA LEU B 48 -20.78 -21.11 6.50
C LEU B 48 -20.53 -22.37 5.69
N VAL B 49 -20.25 -22.25 4.39
CA VAL B 49 -19.83 -23.41 3.58
C VAL B 49 -18.61 -24.09 4.19
N GLY B 50 -17.57 -23.31 4.51
CA GLY B 50 -16.38 -23.90 5.08
C GLY B 50 -16.56 -24.48 6.47
N ALA B 51 -17.65 -24.13 7.15
CA ALA B 51 -18.01 -24.71 8.44
C ALA B 51 -18.95 -25.88 8.29
N GLY B 52 -19.18 -26.32 7.07
CA GLY B 52 -20.07 -27.44 6.84
C GLY B 52 -21.55 -27.16 6.99
N ALA B 53 -21.97 -25.90 7.08
CA ALA B 53 -23.35 -25.54 7.36
C ALA B 53 -24.18 -25.24 6.11
N LYS B 54 -23.56 -24.87 5.00
CA LYS B 54 -24.26 -24.58 3.75
C LYS B 54 -23.51 -25.21 2.59
N GLN B 55 -24.24 -25.54 1.53
CA GLN B 55 -23.63 -26.15 0.36
C GLN B 55 -23.06 -25.06 -0.54
N LEU B 56 -21.97 -25.40 -1.23
CA LEU B 56 -21.27 -24.40 -2.03
C LEU B 56 -22.06 -24.01 -3.28
N SER B 57 -22.71 -24.97 -3.93
CA SER B 57 -23.41 -24.69 -5.16
C SER B 57 -24.56 -23.70 -4.94
N SER B 58 -25.05 -23.60 -3.70
CA SER B 58 -26.09 -22.65 -3.38
C SER B 58 -25.60 -21.20 -3.42
N SER B 59 -24.30 -20.98 -3.58
CA SER B 59 -23.75 -19.64 -3.43
C SER B 59 -23.56 -18.93 -4.75
N GLY B 60 -23.78 -19.63 -5.86
CA GLY B 60 -23.46 -19.11 -7.17
C GLY B 60 -24.56 -19.42 -8.16
N ARG B 61 -24.64 -18.57 -9.18
CA ARG B 61 -25.57 -18.67 -10.28
C ARG B 61 -24.86 -18.19 -11.52
N PRO B 62 -25.31 -18.59 -12.70
CA PRO B 62 -24.67 -18.14 -13.93
C PRO B 62 -24.78 -16.64 -14.08
N THR B 63 -23.69 -16.04 -14.59
CA THR B 63 -23.61 -14.60 -14.76
C THR B 63 -24.72 -14.09 -15.67
N ALA B 64 -25.13 -14.88 -16.65
CA ALA B 64 -26.25 -14.48 -17.49
C ALA B 64 -27.56 -14.35 -16.70
N SER B 65 -27.72 -15.07 -15.58
CA SER B 65 -28.93 -14.91 -14.77
C SER B 65 -29.07 -13.52 -14.17
N VAL B 66 -27.97 -12.88 -13.78
CA VAL B 66 -28.05 -11.64 -13.02
C VAL B 66 -27.86 -10.41 -13.91
N ILE B 67 -27.50 -10.60 -15.17
CA ILE B 67 -27.50 -9.48 -16.13
C ILE B 67 -28.92 -8.93 -16.20
N PRO B 68 -29.12 -7.64 -15.89
CA PRO B 68 -30.43 -7.04 -16.16
C PRO B 68 -30.75 -7.17 -17.64
N SER B 69 -32.02 -7.53 -17.95
CA SER B 69 -32.38 -7.88 -19.32
C SER B 69 -32.27 -6.67 -20.25
N GLY B 70 -31.63 -6.88 -21.41
CA GLY B 70 -31.32 -5.81 -22.35
C GLY B 70 -29.92 -5.22 -22.22
N VAL B 71 -29.30 -5.37 -21.04
CA VAL B 71 -27.96 -4.84 -20.77
C VAL B 71 -26.92 -5.78 -21.39
N GLU B 72 -25.98 -5.21 -22.15
CA GLU B 72 -25.00 -6.02 -22.87
C GLU B 72 -23.98 -6.63 -21.91
N TRP B 73 -23.83 -7.95 -21.96
CA TRP B 73 -22.74 -8.62 -21.24
C TRP B 73 -21.55 -8.75 -22.19
N ILE B 74 -20.50 -7.97 -21.95
CA ILE B 74 -19.26 -8.10 -22.70
C ILE B 74 -18.32 -8.95 -21.85
N LYS B 75 -18.33 -10.25 -22.11
CA LYS B 75 -17.52 -11.25 -21.42
C LYS B 75 -16.08 -11.07 -21.84
N ALA B 76 -15.35 -10.25 -21.10
CA ALA B 76 -13.94 -10.01 -21.36
C ALA B 76 -13.29 -9.52 -20.08
N ARG B 77 -11.97 -9.37 -20.15
CA ARG B 77 -11.18 -8.84 -19.06
C ARG B 77 -10.79 -7.42 -19.43
N VAL B 78 -10.95 -6.49 -18.49
CA VAL B 78 -10.40 -5.15 -18.69
C VAL B 78 -8.89 -5.23 -18.58
N THR B 79 -8.18 -4.74 -19.62
CA THR B 79 -6.71 -4.74 -19.67
C THR B 79 -6.07 -3.35 -19.75
N GLU B 80 -6.84 -2.29 -19.95
CA GLU B 80 -6.26 -0.95 -19.98
C GLU B 80 -7.39 0.07 -19.87
N LEU B 81 -7.15 1.15 -19.15
CA LEU B 81 -8.10 2.26 -19.09
C LEU B 81 -7.44 3.52 -19.63
N ASN B 82 -8.11 4.21 -20.55
CA ASN B 82 -7.63 5.47 -21.09
C ASN B 82 -8.69 6.53 -20.84
N PRO B 83 -8.84 6.99 -19.60
CA PRO B 83 -9.87 7.99 -19.29
C PRO B 83 -9.66 9.33 -19.98
N ASP B 84 -8.43 9.66 -20.39
CA ASP B 84 -8.22 10.92 -21.10
C ASP B 84 -9.03 10.95 -22.39
N LYS B 85 -9.28 9.79 -22.99
CA LYS B 85 -9.97 9.69 -24.26
C LYS B 85 -11.23 8.83 -24.15
N ASN B 86 -11.76 8.70 -22.92
CA ASN B 86 -12.95 7.92 -22.57
C ASN B 86 -13.02 6.59 -23.31
N CYS B 87 -12.02 5.73 -23.07
CA CYS B 87 -12.21 4.36 -23.47
C CYS B 87 -11.44 3.43 -22.54
N ILE B 88 -11.69 2.13 -22.73
CA ILE B 88 -11.00 1.03 -22.09
C ILE B 88 -10.64 0.02 -23.16
N HIS B 89 -9.68 -0.84 -22.86
CA HIS B 89 -9.34 -1.96 -23.71
C HIS B 89 -9.54 -3.28 -22.97
N THR B 90 -9.86 -4.32 -23.73
CA THR B 90 -10.13 -5.65 -23.22
C THR B 90 -9.13 -6.63 -23.83
N ASP B 91 -9.02 -7.82 -23.21
CA ASP B 91 -8.24 -8.94 -23.74
C ASP B 91 -8.87 -9.59 -24.98
N ASP B 92 -9.87 -8.96 -25.60
CA ASP B 92 -10.31 -9.31 -26.95
C ASP B 92 -9.69 -8.43 -28.02
N ASP B 93 -8.74 -7.57 -27.66
CA ASP B 93 -8.16 -6.58 -28.57
C ASP B 93 -9.25 -5.71 -29.19
N GLU B 94 -10.09 -5.16 -28.31
CA GLU B 94 -11.23 -4.31 -28.66
C GLU B 94 -11.17 -3.08 -27.78
N LYS B 95 -11.57 -1.94 -28.35
CA LYS B 95 -11.58 -0.65 -27.67
C LYS B 95 -13.04 -0.23 -27.48
N ILE B 96 -13.41 0.13 -26.25
CA ILE B 96 -14.80 0.47 -25.92
C ILE B 96 -14.85 1.86 -25.31
N SER B 97 -15.59 2.77 -25.96
CA SER B 97 -15.76 4.12 -25.45
C SER B 97 -17.03 4.25 -24.63
N TYR B 98 -17.07 5.28 -23.79
CA TYR B 98 -18.18 5.47 -22.86
C TYR B 98 -18.48 6.94 -22.71
N ARG B 99 -19.73 7.26 -22.40
CA ARG B 99 -20.03 8.61 -21.93
C ARG B 99 -19.72 8.74 -20.44
N TYR B 100 -20.11 7.71 -19.65
CA TYR B 100 -19.83 7.59 -18.22
C TYR B 100 -19.29 6.20 -17.97
N LEU B 101 -18.49 6.07 -16.91
CA LEU B 101 -17.82 4.83 -16.56
C LEU B 101 -18.02 4.55 -15.08
N ILE B 102 -18.34 3.31 -14.74
CA ILE B 102 -18.51 2.87 -13.36
C ILE B 102 -17.59 1.67 -13.12
N ILE B 103 -16.69 1.77 -12.14
CA ILE B 103 -15.70 0.74 -11.91
C ILE B 103 -16.09 -0.06 -10.66
N ALA B 104 -16.31 -1.36 -10.83
CA ALA B 104 -16.64 -2.23 -9.70
C ALA B 104 -15.86 -3.54 -9.80
N LEU B 105 -14.53 -3.43 -9.92
CA LEU B 105 -13.72 -4.62 -10.19
C LEU B 105 -13.34 -5.40 -8.93
N GLY B 106 -13.69 -4.92 -7.73
CA GLY B 106 -13.51 -5.72 -6.54
C GLY B 106 -12.07 -5.71 -6.05
N ILE B 107 -11.71 -6.76 -5.32
CA ILE B 107 -10.37 -6.85 -4.77
C ILE B 107 -9.74 -8.15 -5.23
N GLN B 108 -8.43 -8.12 -5.40
CA GLN B 108 -7.66 -9.21 -5.96
C GLN B 108 -7.04 -10.03 -4.85
N LEU B 109 -7.21 -11.35 -4.92
CA LEU B 109 -6.54 -12.25 -3.98
C LEU B 109 -5.16 -12.60 -4.54
N ASP B 110 -4.18 -12.78 -3.64
CA ASP B 110 -2.77 -12.94 -4.00
C ASP B 110 -2.11 -14.08 -3.22
N TYR B 111 -2.65 -15.30 -3.38
CA TYR B 111 -2.12 -16.46 -2.65
C TYR B 111 -0.64 -16.73 -2.94
N GLU B 112 -0.14 -16.35 -4.13
CA GLU B 112 1.22 -16.71 -4.50
C GLU B 112 2.29 -15.86 -3.81
N LYS B 113 1.91 -14.73 -3.20
CA LYS B 113 2.86 -13.95 -2.39
C LYS B 113 3.21 -14.61 -1.07
N ILE B 114 2.57 -15.73 -0.76
CA ILE B 114 2.98 -16.60 0.33
C ILE B 114 3.79 -17.74 -0.27
N LYS B 115 4.99 -17.94 0.23
CA LYS B 115 5.81 -19.03 -0.28
C LYS B 115 5.08 -20.36 -0.12
N GLY B 116 4.86 -21.06 -1.22
CA GLY B 116 4.27 -22.38 -1.16
C GLY B 116 2.79 -22.43 -1.44
N LEU B 117 2.15 -21.31 -1.57
CA LEU B 117 0.78 -21.29 -2.04
C LEU B 117 0.73 -20.69 -3.44
N PRO B 118 -0.25 -21.04 -4.28
CA PRO B 118 -1.36 -21.96 -4.05
C PRO B 118 -1.05 -23.46 -4.24
N GLU B 119 0.23 -23.83 -4.43
CA GLU B 119 0.52 -25.24 -4.72
C GLU B 119 0.17 -26.13 -3.52
N GLY B 120 0.58 -25.74 -2.32
CA GLY B 120 0.31 -26.58 -1.16
C GLY B 120 -1.15 -26.94 -0.94
N PHE B 121 -2.09 -26.20 -1.56
CA PHE B 121 -3.49 -26.49 -1.32
C PHE B 121 -3.88 -27.86 -1.82
N ALA B 122 -3.01 -28.51 -2.60
CA ALA B 122 -3.25 -29.85 -3.10
C ALA B 122 -3.03 -30.92 -2.03
N HIS B 123 -2.59 -30.53 -0.87
CA HIS B 123 -2.37 -31.40 0.28
C HIS B 123 -3.50 -31.25 1.29
N PRO B 124 -3.71 -32.25 2.14
CA PRO B 124 -4.77 -32.15 3.16
C PRO B 124 -4.46 -31.18 4.29
N LYS B 125 -5.40 -31.03 5.21
CA LYS B 125 -5.34 -30.24 6.44
C LYS B 125 -5.27 -28.73 6.24
N ILE B 126 -5.33 -28.21 5.02
CA ILE B 126 -5.26 -26.77 4.80
C ILE B 126 -6.42 -26.31 3.91
N GLY B 127 -6.98 -25.13 4.23
CA GLY B 127 -8.07 -24.58 3.46
C GLY B 127 -8.14 -23.06 3.56
N SER B 128 -9.12 -22.47 2.88
CA SER B 128 -9.28 -21.02 2.83
C SER B 128 -10.66 -20.65 2.28
N ASN B 129 -11.46 -19.93 3.08
CA ASN B 129 -12.83 -19.67 2.69
C ASN B 129 -12.94 -18.57 1.66
N TYR B 130 -11.83 -17.95 1.26
CA TYR B 130 -11.88 -16.78 0.40
C TYR B 130 -11.96 -17.08 -1.09
N SER B 131 -11.92 -18.36 -1.50
CA SER B 131 -11.85 -18.71 -2.91
C SER B 131 -12.68 -19.94 -3.21
N VAL B 132 -13.36 -19.93 -4.36
CA VAL B 132 -14.26 -21.04 -4.69
C VAL B 132 -13.52 -22.37 -4.76
N LYS B 133 -12.20 -22.33 -4.96
CA LYS B 133 -11.40 -23.54 -5.08
C LYS B 133 -10.86 -24.02 -3.74
N THR B 134 -11.00 -23.26 -2.66
CA THR B 134 -10.48 -23.70 -1.37
C THR B 134 -11.49 -23.70 -0.23
N VAL B 135 -12.74 -23.28 -0.44
CA VAL B 135 -13.67 -23.16 0.67
C VAL B 135 -14.08 -24.54 1.20
N GLU B 136 -14.33 -25.49 0.31
CA GLU B 136 -14.66 -26.82 0.81
C GLU B 136 -13.47 -27.51 1.45
N LYS B 137 -12.24 -27.08 1.13
CA LYS B 137 -11.07 -27.68 1.74
C LYS B 137 -10.95 -27.32 3.21
N THR B 138 -11.48 -26.15 3.59
CA THR B 138 -11.63 -25.83 5.01
C THR B 138 -12.45 -26.92 5.72
N TRP B 139 -13.63 -27.23 5.17
CA TRP B 139 -14.53 -28.16 5.82
C TRP B 139 -13.91 -29.56 5.91
N LYS B 140 -13.13 -29.97 4.90
CA LYS B 140 -12.53 -31.30 5.01
C LYS B 140 -11.45 -31.33 6.07
N ALA B 141 -10.68 -30.24 6.19
CA ALA B 141 -9.66 -30.17 7.22
C ALA B 141 -10.26 -30.27 8.61
N LEU B 142 -11.44 -29.66 8.80
CA LEU B 142 -12.14 -29.76 10.09
C LEU B 142 -12.54 -31.21 10.41
N GLN B 143 -13.26 -31.86 9.49
CA GLN B 143 -13.64 -33.25 9.70
C GLN B 143 -12.41 -34.13 9.95
N ASP B 144 -11.33 -33.90 9.21
CA ASP B 144 -10.15 -34.75 9.27
C ASP B 144 -9.24 -34.44 10.47
N PHE B 145 -9.52 -33.38 11.20
CA PHE B 145 -8.76 -33.02 12.40
C PHE B 145 -8.78 -34.18 13.41
N LYS B 146 -7.60 -34.44 14.01
CA LYS B 146 -7.52 -35.42 15.10
C LYS B 146 -6.95 -34.79 16.37
N GLU B 147 -5.74 -34.25 16.34
CA GLU B 147 -5.09 -33.74 17.56
C GLU B 147 -4.00 -32.74 17.18
N GLY B 148 -4.02 -31.54 17.76
CA GLY B 148 -2.88 -30.67 17.71
C GLY B 148 -3.27 -29.20 17.61
N ASN B 149 -2.45 -28.43 16.87
CA ASN B 149 -2.70 -27.03 16.56
C ASN B 149 -3.68 -26.83 15.38
N ALA B 150 -4.61 -25.87 15.57
CA ALA B 150 -5.48 -25.37 14.51
C ALA B 150 -5.25 -23.87 14.38
N ILE B 151 -4.67 -23.45 13.25
CA ILE B 151 -4.20 -22.09 13.04
C ILE B 151 -5.12 -21.36 12.06
N PHE B 152 -5.49 -20.14 12.43
CA PHE B 152 -6.27 -19.21 11.65
C PHE B 152 -5.45 -17.93 11.51
N THR B 153 -5.36 -17.39 10.27
CA THR B 153 -4.42 -16.30 9.97
C THR B 153 -5.14 -15.06 9.47
N PHE B 154 -4.45 -13.94 9.51
CA PHE B 154 -4.90 -12.65 9.02
C PHE B 154 -3.72 -11.89 8.41
N PRO B 155 -3.79 -11.48 7.13
CA PRO B 155 -2.61 -10.92 6.44
C PRO B 155 -2.35 -9.45 6.80
N ASN B 156 -1.28 -8.91 6.21
CA ASN B 156 -0.83 -7.55 6.44
C ASN B 156 -1.25 -6.60 5.33
N THR B 157 -2.38 -6.87 4.69
CA THR B 157 -2.92 -6.09 3.59
C THR B 157 -4.34 -5.71 3.91
N PRO B 158 -4.97 -4.85 3.11
CA PRO B 158 -6.42 -4.69 3.21
C PRO B 158 -7.09 -6.03 2.89
N VAL B 159 -8.30 -6.22 3.40
CA VAL B 159 -9.07 -7.43 3.13
C VAL B 159 -10.53 -7.06 2.93
N LYS B 160 -11.28 -7.96 2.27
CA LYS B 160 -12.75 -7.90 2.39
C LYS B 160 -13.30 -8.80 3.53
N ALA B 162 -13.43 -8.27 7.14
CA ALA B 162 -12.33 -8.38 8.10
C ALA B 162 -12.72 -9.32 9.25
N GLY B 163 -14.03 -9.55 9.40
CA GLY B 163 -14.49 -10.44 10.45
C GLY B 163 -14.43 -11.91 10.09
N ALA B 164 -14.52 -12.23 8.80
CA ALA B 164 -14.53 -13.63 8.34
C ALA B 164 -13.38 -14.48 8.86
N PRO B 165 -12.11 -14.04 8.85
CA PRO B 165 -11.02 -14.94 9.30
C PRO B 165 -11.18 -15.46 10.71
N GLN B 166 -11.82 -14.72 11.62
CA GLN B 166 -12.09 -15.24 12.96
C GLN B 166 -13.46 -15.91 13.08
N LYS B 167 -14.40 -15.58 12.20
CA LYS B 167 -15.69 -16.26 12.19
C LYS B 167 -15.50 -17.77 12.07
N ILE B 168 -14.65 -18.21 11.12
CA ILE B 168 -14.43 -19.64 10.95
C ILE B 168 -13.67 -20.23 12.14
N MET B 169 -13.00 -19.40 12.93
CA MET B 169 -12.35 -19.93 14.13
C MET B 169 -13.40 -20.30 15.17
N TYR B 170 -14.39 -19.42 15.41
CA TYR B 170 -15.46 -19.75 16.36
C TYR B 170 -16.30 -20.92 15.86
N LEU B 171 -16.58 -20.97 14.56
CA LEU B 171 -17.27 -22.13 13.99
C LEU B 171 -16.46 -23.40 14.22
N SER B 172 -15.15 -23.36 13.93
CA SER B 172 -14.33 -24.55 14.07
C SER B 172 -14.26 -25.01 15.52
N GLU B 173 -14.18 -24.06 16.46
CA GLU B 173 -14.18 -24.40 17.88
C GLU B 173 -15.43 -25.18 18.25
N ALA B 174 -16.61 -24.59 17.98
CA ALA B 174 -17.86 -25.26 18.27
C ALA B 174 -17.92 -26.61 17.59
N TYR B 175 -17.41 -26.73 16.36
CA TYR B 175 -17.37 -28.04 15.71
C TYR B 175 -16.60 -29.06 16.57
N PHE B 176 -15.37 -28.70 16.96
CA PHE B 176 -14.56 -29.63 17.75
C PHE B 176 -15.25 -30.02 19.06
N ARG B 177 -15.86 -29.05 19.76
CA ARG B 177 -16.60 -29.38 20.98
C ARG B 177 -17.70 -30.39 20.69
N LYS B 178 -18.64 -30.01 19.82
CA LYS B 178 -19.79 -30.88 19.69
C LYS B 178 -19.47 -32.18 18.99
N THR B 179 -18.23 -32.38 18.55
CA THR B 179 -17.82 -33.61 17.89
C THR B 179 -16.77 -34.37 18.70
N GLY B 180 -16.46 -33.92 19.92
CA GLY B 180 -15.63 -34.68 20.83
C GLY B 180 -14.14 -34.51 20.68
N LYS B 181 -13.68 -33.47 20.01
CA LYS B 181 -12.27 -33.30 19.70
C LYS B 181 -11.67 -32.05 20.31
N ARG B 182 -12.40 -31.34 21.17
CA ARG B 182 -11.91 -30.05 21.65
C ARG B 182 -10.67 -30.22 22.51
N SER B 183 -10.70 -31.19 23.42
CA SER B 183 -9.57 -31.44 24.30
C SER B 183 -8.27 -31.65 23.54
N LYS B 184 -8.35 -32.02 22.26
CA LYS B 184 -7.17 -32.33 21.47
C LYS B 184 -6.75 -31.18 20.55
N ALA B 185 -7.28 -29.98 20.76
CA ALA B 185 -7.06 -28.86 19.84
C ALA B 185 -6.45 -27.67 20.56
N ASN B 186 -5.32 -27.16 20.05
CA ASN B 186 -4.77 -25.89 20.49
C ASN B 186 -5.07 -24.86 19.40
N ILE B 187 -5.88 -23.86 19.74
CA ILE B 187 -6.56 -23.06 18.73
C ILE B 187 -5.98 -21.66 18.75
N ILE B 188 -5.46 -21.24 17.60
CA ILE B 188 -4.55 -20.11 17.50
C ILE B 188 -5.05 -19.17 16.41
N PHE B 189 -5.23 -17.90 16.77
CA PHE B 189 -5.45 -16.81 15.82
C PHE B 189 -4.14 -16.00 15.73
N ASN B 190 -3.40 -16.21 14.65
CA ASN B 190 -2.20 -15.44 14.35
C ASN B 190 -2.57 -14.30 13.39
N THR B 191 -2.53 -13.06 13.89
CA THR B 191 -3.02 -11.92 13.14
C THR B 191 -1.94 -10.86 12.99
N SER B 192 -1.87 -10.25 11.80
CA SER B 192 -0.97 -9.12 11.57
C SER B 192 -1.33 -7.88 12.36
N LEU B 193 -2.55 -7.80 12.89
CA LEU B 193 -3.03 -6.59 13.54
C LEU B 193 -2.75 -6.67 15.04
N GLY B 194 -2.79 -5.51 15.68
CA GLY B 194 -2.76 -5.49 17.13
C GLY B 194 -4.11 -5.61 17.82
N ALA B 195 -5.21 -5.54 17.09
CA ALA B 195 -6.52 -5.61 17.74
C ALA B 195 -7.38 -6.68 17.09
N ILE B 196 -8.27 -7.26 17.91
CA ILE B 196 -9.18 -8.30 17.41
C ILE B 196 -10.20 -7.69 16.45
N PHE B 197 -10.56 -6.43 16.66
CA PHE B 197 -11.57 -5.74 15.86
C PHE B 197 -11.39 -4.24 16.08
N GLY B 198 -11.82 -3.47 15.08
CA GLY B 198 -11.54 -2.04 15.07
C GLY B 198 -12.55 -1.18 15.76
N VAL B 199 -13.69 -1.74 16.15
CA VAL B 199 -14.74 -0.99 16.83
C VAL B 199 -14.87 -1.59 18.24
N LYS B 200 -14.71 -0.74 19.26
CA LYS B 200 -14.37 -1.26 20.59
C LYS B 200 -15.51 -2.06 21.21
N LYS B 201 -16.76 -1.64 21.00
CA LYS B 201 -17.83 -2.35 21.69
C LYS B 201 -18.04 -3.74 21.13
N TYR B 202 -17.67 -3.99 19.87
CA TYR B 202 -17.70 -5.37 19.42
C TYR B 202 -16.40 -6.10 19.75
N ALA B 203 -15.26 -5.41 19.71
CA ALA B 203 -14.00 -6.00 20.19
C ALA B 203 -14.17 -6.58 21.59
N ASP B 204 -14.70 -5.78 22.52
CA ASP B 204 -14.89 -6.24 23.89
C ASP B 204 -15.69 -7.53 23.94
N ALA B 205 -16.76 -7.61 23.13
CA ALA B 205 -17.59 -8.81 23.13
C ALA B 205 -16.83 -10.02 22.58
N LEU B 206 -15.99 -9.80 21.56
CA LEU B 206 -15.21 -10.91 21.03
C LEU B 206 -14.12 -11.33 22.01
N GLN B 207 -13.49 -10.35 22.66
CA GLN B 207 -12.53 -10.65 23.72
C GLN B 207 -13.14 -11.56 24.78
N GLU B 208 -14.41 -11.34 25.12
CA GLU B 208 -15.09 -12.15 26.12
C GLU B 208 -15.18 -13.60 25.68
N ILE B 209 -15.59 -13.82 24.43
CA ILE B 209 -15.72 -15.16 23.90
C ILE B 209 -14.37 -15.87 23.91
N ILE B 210 -13.33 -15.20 23.37
CA ILE B 210 -11.99 -15.80 23.33
C ILE B 210 -11.52 -16.18 24.73
N GLN B 211 -11.80 -15.35 25.73
CA GLN B 211 -11.34 -15.66 27.08
C GLN B 211 -12.06 -16.86 27.68
N GLU B 212 -13.30 -17.12 27.28
CA GLU B 212 -14.05 -18.23 27.85
C GLU B 212 -13.84 -19.53 27.10
N ARG B 213 -13.47 -19.48 25.82
CA ARG B 213 -13.40 -20.69 25.01
C ARG B 213 -11.96 -21.17 24.77
N ASN B 214 -11.00 -20.68 25.54
CA ASN B 214 -9.60 -21.12 25.47
C ASN B 214 -9.07 -21.06 24.04
N LEU B 215 -9.18 -19.88 23.46
CA LEU B 215 -8.59 -19.55 22.17
C LEU B 215 -7.44 -18.58 22.39
N THR B 216 -6.40 -18.70 21.57
CA THR B 216 -5.25 -17.82 21.70
C THR B 216 -5.18 -16.88 20.52
N VAL B 217 -4.96 -15.61 20.82
CA VAL B 217 -4.69 -14.61 19.79
C VAL B 217 -3.25 -14.12 19.96
N ASN B 218 -2.44 -14.29 18.91
CA ASN B 218 -1.07 -13.78 18.83
C ASN B 218 -1.01 -12.65 17.81
N TYR B 219 -0.84 -11.42 18.29
CA TYR B 219 -0.86 -10.22 17.46
C TYR B 219 0.48 -10.00 16.73
N LYS B 220 0.42 -9.19 15.66
CA LYS B 220 1.60 -8.83 14.85
C LYS B 220 2.36 -10.06 14.37
N LYS B 221 1.62 -11.11 13.99
CA LYS B 221 2.15 -12.32 13.36
C LYS B 221 1.53 -12.47 11.97
N ASN B 222 2.39 -12.51 10.94
CA ASN B 222 1.96 -12.59 9.54
C ASN B 222 2.48 -13.85 8.87
N LEU B 223 1.57 -14.60 8.25
CA LEU B 223 1.96 -15.80 7.50
C LEU B 223 2.80 -15.40 6.29
N ILE B 224 3.95 -16.04 6.11
CA ILE B 224 4.80 -15.78 4.95
C ILE B 224 5.13 -17.04 4.17
N GLU B 225 5.05 -18.23 4.78
CA GLU B 225 5.45 -19.47 4.14
C GLU B 225 4.62 -20.66 4.63
N VAL B 226 4.27 -21.55 3.72
CA VAL B 226 3.50 -22.75 4.03
C VAL B 226 4.25 -23.95 3.45
N ARG B 227 4.57 -24.93 4.32
CA ARG B 227 5.23 -26.19 3.95
C ARG B 227 4.19 -27.30 4.13
N ALA B 228 3.34 -27.47 3.11
CA ALA B 228 2.16 -28.31 3.26
C ALA B 228 2.54 -29.75 3.58
N ASP B 229 3.47 -30.31 2.80
CA ASP B 229 3.96 -31.67 3.02
C ASP B 229 4.39 -31.90 4.47
N LYS B 230 5.04 -30.92 5.08
CA LYS B 230 5.52 -31.02 6.45
C LYS B 230 4.52 -30.50 7.50
N GLN B 231 3.36 -29.98 7.07
CA GLN B 231 2.36 -29.41 7.99
C GLN B 231 2.99 -28.37 8.92
N GLU B 232 3.74 -27.46 8.33
CA GLU B 232 4.37 -26.40 9.08
C GLU B 232 4.05 -25.06 8.42
N ALA B 233 3.97 -24.03 9.25
CA ALA B 233 3.76 -22.66 8.79
C ALA B 233 4.82 -21.75 9.38
N VAL B 234 5.27 -20.77 8.60
CA VAL B 234 6.26 -19.80 9.02
C VAL B 234 5.59 -18.44 9.14
N PHE B 235 5.78 -17.79 10.29
CA PHE B 235 5.30 -16.45 10.55
C PHE B 235 6.49 -15.54 10.83
N GLU B 236 6.36 -14.29 10.42
CA GLU B 236 7.31 -13.25 10.73
C GLU B 236 6.72 -12.39 11.85
N ASN B 237 7.58 -11.94 12.76
CA ASN B 237 7.13 -11.07 13.85
C ASN B 237 7.22 -9.63 13.38
N LEU B 238 6.07 -9.01 13.15
CA LEU B 238 6.09 -7.64 12.63
C LEU B 238 6.58 -6.64 13.67
N ASP B 239 6.76 -7.06 14.92
CA ASP B 239 7.32 -6.18 15.94
C ASP B 239 8.83 -6.25 16.02
N LYS B 240 9.42 -7.33 15.52
CA LYS B 240 10.86 -7.56 15.59
C LYS B 240 11.33 -7.91 14.18
N PRO B 241 11.46 -6.91 13.28
CA PRO B 241 11.92 -7.19 11.91
C PRO B 241 13.13 -8.12 11.91
N GLY B 242 13.05 -9.18 11.10
CA GLY B 242 14.05 -10.23 11.05
C GLY B 242 13.67 -11.54 11.73
N GLU B 243 12.72 -11.52 12.67
CA GLU B 243 12.41 -12.68 13.49
C GLU B 243 11.26 -13.48 12.88
N THR B 244 11.38 -14.81 12.94
CA THR B 244 10.38 -15.71 12.38
C THR B 244 10.10 -16.85 13.36
N GLN B 245 9.07 -17.64 13.07
CA GLN B 245 8.69 -18.77 13.91
C GLN B 245 8.02 -19.82 13.04
N VAL B 246 8.50 -21.06 13.12
CA VAL B 246 7.93 -22.22 12.43
C VAL B 246 7.02 -23.00 13.38
N ILE B 247 5.76 -23.17 13.00
CA ILE B 247 4.74 -23.81 13.83
C ILE B 247 4.17 -25.01 13.08
N SER B 248 4.03 -26.14 13.77
CA SER B 248 3.31 -27.27 13.19
C SER B 248 1.81 -27.11 13.35
N TYR B 249 1.05 -27.65 12.39
CA TYR B 249 -0.40 -27.58 12.48
C TYR B 249 -1.07 -28.89 12.13
N GLU B 250 -2.22 -29.11 12.77
CA GLU B 250 -3.13 -30.17 12.38
C GLU B 250 -4.23 -29.65 11.45
N MET B 251 -4.53 -28.35 11.53
CA MET B 251 -5.41 -27.71 10.55
C MET B 251 -4.97 -26.27 10.37
N LEU B 252 -4.94 -25.80 9.12
CA LEU B 252 -4.57 -24.41 8.83
C LEU B 252 -5.60 -23.74 7.92
N HIS B 253 -6.14 -22.62 8.36
CA HIS B 253 -7.03 -21.81 7.53
C HIS B 253 -6.33 -20.51 7.18
N VAL B 254 -6.25 -20.21 5.87
CA VAL B 254 -5.46 -19.09 5.35
C VAL B 254 -6.36 -17.98 4.82
N THR B 255 -6.22 -16.79 5.39
CA THR B 255 -6.74 -15.59 4.74
C THR B 255 -5.63 -14.99 3.88
N PRO B 256 -5.77 -14.97 2.56
CA PRO B 256 -4.64 -14.58 1.72
C PRO B 256 -4.41 -13.08 1.77
N PRO B 257 -3.20 -12.63 1.42
CA PRO B 257 -2.98 -11.20 1.11
C PRO B 257 -3.81 -10.72 -0.07
N MET B 258 -4.23 -9.46 -0.01
CA MET B 258 -5.12 -8.90 -1.01
C MET B 258 -4.60 -7.54 -1.46
N SER B 259 -5.02 -7.14 -2.65
CA SER B 259 -4.52 -5.92 -3.28
C SER B 259 -5.52 -5.49 -4.36
N PRO B 260 -5.45 -4.24 -4.82
CA PRO B 260 -6.34 -3.81 -5.89
C PRO B 260 -6.01 -4.55 -7.18
N PRO B 261 -7.00 -4.75 -8.06
CA PRO B 261 -6.75 -5.53 -9.29
C PRO B 261 -5.56 -4.98 -10.06
N ASP B 262 -4.84 -5.90 -10.74
CA ASP B 262 -3.61 -5.52 -11.45
C ASP B 262 -3.85 -4.41 -12.48
N VAL B 263 -4.95 -4.48 -13.23
CA VAL B 263 -5.12 -3.46 -14.25
C VAL B 263 -5.31 -2.07 -13.62
N LEU B 264 -5.77 -2.00 -12.36
CA LEU B 264 -5.90 -0.71 -11.67
C LEU B 264 -4.60 -0.23 -11.01
N LYS B 265 -3.67 -1.11 -10.65
CA LYS B 265 -2.45 -0.70 -9.96
C LYS B 265 -1.68 0.37 -10.74
N THR B 266 -1.58 0.22 -12.05
CA THR B 266 -0.89 1.21 -12.85
C THR B 266 -1.84 2.16 -13.58
N SER B 267 -3.14 2.08 -13.30
CA SER B 267 -4.08 2.83 -14.13
C SER B 267 -4.00 4.32 -13.79
N PRO B 268 -4.41 5.19 -14.71
CA PRO B 268 -4.60 6.60 -14.33
C PRO B 268 -5.74 6.81 -13.34
N VAL B 269 -6.74 5.92 -13.28
CA VAL B 269 -7.84 6.18 -12.36
C VAL B 269 -7.51 5.84 -10.93
N ALA B 270 -6.30 5.34 -10.65
CA ALA B 270 -5.91 4.94 -9.32
C ALA B 270 -5.22 6.09 -8.59
N ASP B 271 -5.24 6.01 -7.25
CA ASP B 271 -4.41 6.86 -6.40
C ASP B 271 -2.99 6.28 -6.38
N ALA B 272 -2.09 6.84 -5.56
CA ALA B 272 -0.72 6.31 -5.52
C ALA B 272 -0.71 4.81 -5.21
N ALA B 273 -1.60 4.34 -4.34
CA ALA B 273 -1.57 2.96 -3.89
C ALA B 273 -2.32 2.00 -4.80
N GLY B 274 -3.03 2.50 -5.80
CA GLY B 274 -3.64 1.62 -6.79
C GLY B 274 -5.14 1.47 -6.70
N TRP B 275 -5.81 2.01 -5.67
CA TRP B 275 -7.27 1.94 -5.56
C TRP B 275 -7.92 3.08 -6.33
N VAL B 276 -9.16 2.87 -6.78
CA VAL B 276 -9.85 3.89 -7.55
C VAL B 276 -10.08 5.11 -6.67
N ASP B 277 -9.64 6.27 -7.16
CA ASP B 277 -9.52 7.52 -6.40
C ASP B 277 -10.83 8.29 -6.49
N VAL B 278 -11.75 8.07 -5.54
CA VAL B 278 -13.08 8.68 -5.63
C VAL B 278 -13.33 9.58 -4.44
N ASP B 279 -14.33 10.44 -4.59
CA ASP B 279 -14.75 11.33 -3.52
C ASP B 279 -15.34 10.49 -2.40
N LYS B 280 -15.00 10.83 -1.16
CA LYS B 280 -15.36 9.94 -0.06
C LYS B 280 -16.85 10.00 0.29
N GLU B 281 -17.59 10.90 -0.34
CA GLU B 281 -19.02 11.13 -0.11
C GLU B 281 -19.88 10.82 -1.33
N THR B 282 -19.50 11.31 -2.52
CA THR B 282 -20.32 11.15 -3.72
C THR B 282 -19.91 9.99 -4.60
N LEU B 283 -18.68 9.48 -4.44
CA LEU B 283 -18.14 8.36 -5.20
C LEU B 283 -17.82 8.74 -6.66
N GLN B 284 -17.74 10.03 -6.98
CA GLN B 284 -17.26 10.46 -8.29
C GLN B 284 -15.74 10.58 -8.28
N HIS B 285 -15.13 10.28 -9.41
CA HIS B 285 -13.67 10.28 -9.49
C HIS B 285 -13.15 11.68 -9.19
N ARG B 286 -12.01 11.75 -8.49
CA ARG B 286 -11.47 13.07 -8.12
C ARG B 286 -10.87 13.83 -9.31
N ARG B 287 -10.36 13.11 -10.32
CA ARG B 287 -9.73 13.73 -11.48
C ARG B 287 -10.45 13.53 -12.82
N TYR B 288 -11.43 12.63 -12.91
CA TYR B 288 -12.18 12.43 -14.16
C TYR B 288 -13.67 12.48 -13.84
N PRO B 289 -14.34 13.59 -14.16
CA PRO B 289 -15.73 13.75 -13.72
C PRO B 289 -16.70 12.75 -14.31
N ASN B 290 -16.33 11.99 -15.32
CA ASN B 290 -17.26 11.00 -15.85
C ASN B 290 -16.95 9.58 -15.41
N VAL B 291 -16.13 9.40 -14.38
CA VAL B 291 -15.79 8.09 -13.84
C VAL B 291 -16.33 7.97 -12.41
N PHE B 292 -16.79 6.78 -12.05
CA PHE B 292 -17.30 6.51 -10.72
C PHE B 292 -16.80 5.15 -10.25
N GLY B 293 -16.71 4.99 -8.93
CA GLY B 293 -16.23 3.75 -8.34
C GLY B 293 -17.12 3.32 -7.21
N ILE B 294 -17.14 2.00 -6.98
CA ILE B 294 -17.98 1.43 -5.92
C ILE B 294 -17.36 0.11 -5.49
N GLY B 295 -17.53 -0.22 -4.20
CA GLY B 295 -17.12 -1.54 -3.72
C GLY B 295 -15.64 -1.67 -3.35
N ASP B 296 -15.18 -2.92 -3.34
CA ASP B 296 -13.87 -3.27 -2.77
C ASP B 296 -12.72 -2.55 -3.48
N CYS B 297 -12.86 -2.25 -4.77
CA CYS B 297 -11.76 -1.69 -5.54
C CYS B 297 -11.55 -0.20 -5.29
N THR B 298 -12.35 0.44 -4.45
CA THR B 298 -12.16 1.87 -4.26
C THR B 298 -11.26 2.14 -3.06
N ASN B 299 -10.95 3.41 -2.87
CA ASN B 299 -10.20 3.84 -1.70
C ASN B 299 -11.11 4.40 -0.63
N LEU B 300 -12.36 3.91 -0.59
CA LEU B 300 -13.32 4.39 0.39
C LEU B 300 -12.87 3.91 1.76
N PRO B 301 -12.63 4.80 2.71
CA PRO B 301 -11.96 4.41 3.97
C PRO B 301 -12.91 3.79 4.99
N THR B 302 -13.54 2.69 4.60
CA THR B 302 -14.39 1.91 5.49
C THR B 302 -14.24 0.46 5.08
N SER B 303 -14.83 -0.43 5.85
CA SER B 303 -14.56 -1.85 5.65
C SER B 303 -15.17 -2.33 4.34
N LYS B 304 -14.49 -3.27 3.69
CA LYS B 304 -14.85 -3.72 2.35
C LYS B 304 -15.85 -4.88 2.46
N THR B 305 -17.13 -4.58 2.28
CA THR B 305 -18.21 -5.56 2.43
C THR B 305 -19.31 -5.35 1.39
N ALA B 306 -20.18 -6.37 1.31
CA ALA B 306 -21.34 -6.27 0.44
C ALA B 306 -22.37 -5.31 1.02
N ALA B 307 -22.46 -5.26 2.35
CA ALA B 307 -23.32 -4.25 2.96
C ALA B 307 -22.94 -2.85 2.49
N ALA B 308 -21.66 -2.49 2.59
CA ALA B 308 -21.20 -1.18 2.12
C ALA B 308 -21.53 -0.95 0.65
N VAL B 309 -21.32 -1.98 -0.20
CA VAL B 309 -21.74 -1.89 -1.59
C VAL B 309 -23.23 -1.53 -1.69
N ALA B 310 -24.08 -2.22 -0.92
CA ALA B 310 -25.50 -1.92 -0.94
C ALA B 310 -25.76 -0.45 -0.61
N ALA B 311 -25.19 0.02 0.50
CA ALA B 311 -25.39 1.42 0.87
C ALA B 311 -24.70 2.35 -0.12
N GLN B 312 -23.58 1.94 -0.70
CA GLN B 312 -22.90 2.80 -1.67
C GLN B 312 -23.73 2.95 -2.95
N SER B 313 -24.40 1.87 -3.39
CA SER B 313 -25.18 1.93 -4.62
C SER B 313 -26.26 3.00 -4.56
N GLY B 314 -26.95 3.10 -3.41
CA GLY B 314 -27.97 4.12 -3.24
C GLY B 314 -27.43 5.52 -3.49
N ILE B 315 -26.29 5.85 -2.87
CA ILE B 315 -25.69 7.18 -3.05
C ILE B 315 -25.30 7.39 -4.50
N LEU B 316 -24.58 6.42 -5.07
CA LEU B 316 -24.08 6.56 -6.44
C LEU B 316 -25.21 6.77 -7.43
N ASP B 317 -26.33 6.04 -7.28
CA ASP B 317 -27.49 6.27 -8.13
C ASP B 317 -27.85 7.75 -8.16
N ARG B 318 -27.86 8.41 -7.00
CA ARG B 318 -28.16 9.83 -6.98
C ARG B 318 -27.05 10.64 -7.64
N THR B 319 -25.79 10.34 -7.34
CA THR B 319 -24.69 11.15 -7.84
C THR B 319 -24.66 11.16 -9.36
N ILE B 320 -24.70 9.98 -9.97
CA ILE B 320 -24.65 9.93 -11.43
C ILE B 320 -25.87 10.66 -12.02
N SER B 321 -27.04 10.51 -11.39
CA SER B 321 -28.25 11.15 -11.89
C SER B 321 -28.10 12.67 -11.96
N VAL B 322 -27.74 13.31 -10.85
CA VAL B 322 -27.60 14.77 -10.88
C VAL B 322 -26.50 15.18 -11.86
N ILE B 323 -25.44 14.39 -11.95
CA ILE B 323 -24.34 14.73 -12.87
C ILE B 323 -24.86 14.76 -14.30
N MET B 324 -25.55 13.69 -14.72
CA MET B 324 -26.22 13.66 -16.02
C MET B 324 -27.14 14.85 -16.24
N LYS B 325 -27.60 15.50 -15.18
CA LYS B 325 -28.51 16.63 -15.31
C LYS B 325 -27.81 17.97 -15.12
N ASN B 326 -26.48 17.98 -14.99
CA ASN B 326 -25.72 19.22 -14.80
C ASN B 326 -26.07 19.89 -13.48
N GLN B 327 -26.23 19.09 -12.43
CA GLN B 327 -26.52 19.58 -11.10
C GLN B 327 -25.39 19.17 -10.14
N THR B 328 -25.27 19.90 -9.05
CA THR B 328 -24.29 19.58 -8.00
C THR B 328 -24.84 18.50 -7.06
N PRO B 329 -24.05 17.45 -6.77
CA PRO B 329 -24.51 16.43 -5.82
C PRO B 329 -24.72 17.01 -4.44
N THR B 330 -25.70 16.45 -3.72
CA THR B 330 -25.92 16.82 -2.33
C THR B 330 -26.05 15.62 -1.37
N LYS B 331 -26.36 14.44 -1.86
CA LYS B 331 -26.46 13.27 -0.99
C LYS B 331 -25.07 12.68 -0.76
N LYS B 332 -24.73 12.41 0.51
CA LYS B 332 -23.38 12.02 0.92
C LYS B 332 -23.36 10.65 1.59
N TYR B 333 -22.34 9.84 1.25
CA TYR B 333 -22.13 8.55 1.88
C TYR B 333 -21.49 8.72 3.24
N ASP B 334 -21.94 7.92 4.20
CA ASP B 334 -21.51 8.06 5.59
C ASP B 334 -20.49 7.01 6.03
N GLY B 335 -20.12 6.08 5.16
CA GLY B 335 -19.25 5.01 5.58
C GLY B 335 -19.96 3.82 6.14
N TYR B 336 -21.27 3.69 5.92
CA TYR B 336 -21.99 2.57 6.51
C TYR B 336 -21.38 1.26 6.03
N THR B 337 -21.29 0.31 6.95
CA THR B 337 -20.83 -1.04 6.68
C THR B 337 -21.28 -1.91 7.85
N SER B 338 -21.35 -3.23 7.60
CA SER B 338 -21.72 -4.16 8.66
C SER B 338 -21.02 -5.51 8.51
N CYS B 339 -20.59 -6.06 9.66
CA CYS B 339 -20.02 -7.40 9.71
C CYS B 339 -20.89 -8.34 10.54
N PRO B 340 -21.59 -9.30 9.95
CA PRO B 340 -22.31 -10.28 10.79
C PRO B 340 -21.36 -11.34 11.36
N LEU B 341 -20.87 -11.10 12.58
CA LEU B 341 -19.85 -11.95 13.20
C LEU B 341 -20.47 -13.26 13.66
N VAL B 342 -20.28 -14.32 12.88
CA VAL B 342 -20.78 -15.64 13.26
C VAL B 342 -19.92 -16.17 14.41
N THR B 343 -20.51 -16.30 15.60
CA THR B 343 -19.80 -16.78 16.79
C THR B 343 -20.08 -18.23 17.11
N GLY B 344 -20.77 -18.93 16.23
CA GLY B 344 -21.20 -20.29 16.50
C GLY B 344 -22.27 -20.64 15.50
N TYR B 345 -22.69 -21.90 15.54
CA TYR B 345 -23.70 -22.37 14.60
C TYR B 345 -25.09 -21.82 14.89
N ASN B 346 -25.29 -21.13 16.02
CA ASN B 346 -26.59 -20.62 16.43
C ASN B 346 -26.63 -19.13 16.73
N ARG B 347 -25.52 -18.41 16.54
CA ARG B 347 -25.40 -17.05 17.07
C ARG B 347 -24.61 -16.19 16.09
N VAL B 348 -24.94 -14.89 16.11
CA VAL B 348 -24.23 -13.88 15.32
C VAL B 348 -24.19 -12.60 16.15
N ILE B 349 -23.06 -11.88 16.07
CA ILE B 349 -22.91 -10.56 16.65
C ILE B 349 -22.92 -9.58 15.49
N LEU B 350 -24.04 -8.89 15.28
CA LEU B 350 -24.22 -8.02 14.11
C LEU B 350 -23.58 -6.67 14.39
N ALA B 351 -22.33 -6.50 13.95
CA ALA B 351 -21.68 -5.21 14.10
C ALA B 351 -22.03 -4.31 12.93
N GLU B 352 -22.49 -3.09 13.22
CA GLU B 352 -22.74 -2.07 12.21
C GLU B 352 -22.08 -0.77 12.64
N PHE B 353 -21.44 -0.09 11.69
CA PHE B 353 -20.79 1.17 12.02
C PHE B 353 -20.61 1.97 10.75
N ASP B 354 -20.06 3.17 10.91
CA ASP B 354 -19.83 4.08 9.79
C ASP B 354 -18.37 4.55 9.82
N TYR B 355 -18.07 5.57 9.00
CA TYR B 355 -16.72 6.13 8.92
C TYR B 355 -16.14 6.44 10.29
N LYS B 356 -16.97 6.76 11.27
CA LYS B 356 -16.47 7.16 12.57
C LYS B 356 -16.01 5.98 13.42
N ALA B 357 -15.96 4.77 12.85
CA ALA B 357 -15.61 3.54 13.57
C ALA B 357 -16.37 3.42 14.90
N GLU B 358 -17.55 4.02 14.97
CA GLU B 358 -18.46 3.93 16.10
C GLU B 358 -19.74 3.16 15.72
N PRO B 359 -20.32 2.42 16.66
CA PRO B 359 -21.51 1.61 16.32
C PRO B 359 -22.68 2.44 15.82
N LEU B 360 -23.46 1.84 14.93
CA LEU B 360 -24.66 2.46 14.36
C LEU B 360 -25.64 1.32 14.05
N GLU B 361 -26.22 0.74 15.10
CA GLU B 361 -27.00 -0.48 14.97
C GLU B 361 -28.40 -0.19 14.44
N THR B 362 -28.93 -1.14 13.67
CA THR B 362 -30.24 -0.97 13.02
C THR B 362 -31.39 -1.31 13.97
N PHE B 363 -31.39 -2.53 14.52
CA PHE B 363 -32.47 -3.04 15.36
C PHE B 363 -32.43 -2.43 16.76
N PRO B 364 -33.60 -2.26 17.39
CA PRO B 364 -33.64 -1.60 18.70
C PRO B 364 -33.03 -2.41 19.82
N PHE B 365 -32.89 -3.74 19.68
CA PHE B 365 -32.21 -4.52 20.71
C PHE B 365 -30.70 -4.35 20.54
N ASP B 366 -29.91 -5.14 21.25
CA ASP B 366 -28.46 -4.93 21.28
C ASP B 366 -27.74 -6.02 20.50
N GLN B 367 -27.00 -5.61 19.47
CA GLN B 367 -26.34 -6.54 18.57
C GLN B 367 -24.92 -6.88 19.02
N SER B 368 -24.48 -6.36 20.17
CA SER B 368 -23.20 -6.79 20.76
C SER B 368 -23.31 -8.18 21.37
N LYS B 369 -24.52 -8.65 21.66
CA LYS B 369 -24.78 -9.95 22.27
C LYS B 369 -25.11 -10.98 21.21
N GLU B 370 -24.58 -12.20 21.39
CA GLU B 370 -24.84 -13.30 20.47
C GLU B 370 -26.34 -13.56 20.33
N ARG B 371 -26.83 -13.63 19.09
CA ARG B 371 -28.27 -13.72 18.85
C ARG B 371 -28.58 -14.76 17.77
N LEU B 372 -29.58 -15.59 18.06
CA LEU B 372 -30.12 -16.52 17.07
C LEU B 372 -30.80 -15.78 15.92
N SER B 373 -31.55 -14.71 16.24
CA SER B 373 -32.26 -13.96 15.20
C SER B 373 -31.29 -13.39 14.19
N MET B 374 -30.16 -12.88 14.66
CA MET B 374 -29.17 -12.32 13.73
C MET B 374 -28.46 -13.43 12.97
N TYR B 375 -28.34 -14.62 13.55
CA TYR B 375 -27.81 -15.73 12.76
C TYR B 375 -28.76 -16.08 11.62
N LEU B 376 -30.05 -16.28 11.95
CA LEU B 376 -31.04 -16.61 10.95
C LEU B 376 -31.15 -15.53 9.88
N MET B 377 -30.99 -14.27 10.27
CA MET B 377 -30.96 -13.20 9.27
C MET B 377 -29.79 -13.39 8.32
N LYS B 378 -28.60 -13.63 8.87
CA LYS B 378 -27.41 -13.81 8.04
C LYS B 378 -27.56 -15.04 7.17
N ALA B 379 -28.04 -16.14 7.73
CA ALA B 379 -27.92 -17.42 7.03
C ALA B 379 -28.97 -17.62 5.94
N ASP B 380 -30.14 -17.02 6.10
CA ASP B 380 -31.34 -17.36 5.34
C ASP B 380 -31.97 -16.15 4.64
N LEU B 381 -32.13 -15.04 5.36
CA LEU B 381 -32.79 -13.89 4.76
C LEU B 381 -31.88 -13.19 3.75
N MET B 382 -30.65 -12.88 4.17
CA MET B 382 -29.78 -12.04 3.35
C MET B 382 -29.44 -12.63 1.99
N PRO B 383 -29.14 -13.92 1.84
CA PRO B 383 -29.03 -14.45 0.47
C PRO B 383 -30.26 -14.13 -0.36
N PHE B 384 -31.46 -14.27 0.25
CA PHE B 384 -32.70 -14.04 -0.50
C PHE B 384 -32.83 -12.58 -0.93
N LEU B 385 -32.65 -11.64 0.00
CA LEU B 385 -32.66 -10.25 -0.38
C LEU B 385 -31.56 -9.92 -1.40
N TYR B 386 -30.41 -10.61 -1.32
CA TYR B 386 -29.33 -10.35 -2.27
C TYR B 386 -29.78 -10.68 -3.69
N TRP B 387 -30.18 -11.93 -3.92
CA TRP B 387 -30.51 -12.33 -5.29
C TRP B 387 -31.74 -11.61 -5.82
N ASN B 388 -32.72 -11.30 -4.95
CA ASN B 388 -34.01 -10.81 -5.40
C ASN B 388 -34.22 -9.32 -5.18
N MET B 389 -33.32 -8.62 -4.48
CA MET B 389 -33.50 -7.18 -4.28
C MET B 389 -32.26 -6.33 -4.57
N MET B 390 -31.09 -6.72 -4.04
CA MET B 390 -29.93 -5.88 -4.29
C MET B 390 -29.53 -5.89 -5.75
N LEU B 391 -29.35 -7.08 -6.34
CA LEU B 391 -28.93 -7.19 -7.73
C LEU B 391 -29.98 -6.69 -8.70
N ARG B 392 -31.20 -6.42 -8.23
CA ARG B 392 -32.22 -5.73 -9.02
C ARG B 392 -32.26 -4.23 -8.75
N GLY B 393 -31.28 -3.70 -8.03
CA GLY B 393 -31.23 -2.27 -7.77
C GLY B 393 -32.35 -1.70 -6.93
N TYR B 394 -32.73 -2.39 -5.84
CA TYR B 394 -33.74 -1.84 -4.94
C TYR B 394 -33.33 -1.74 -3.48
N TRP B 395 -32.35 -2.51 -3.03
CA TRP B 395 -31.78 -2.36 -1.71
C TRP B 395 -30.66 -1.33 -1.77
N GLY B 396 -30.73 -0.30 -0.91
CA GLY B 396 -29.63 0.65 -0.79
C GLY B 396 -29.26 1.06 0.63
N GLY B 397 -29.08 0.10 1.55
CA GLY B 397 -28.79 0.42 2.95
C GLY B 397 -30.03 0.38 3.85
N PRO B 398 -29.86 -0.15 5.09
CA PRO B 398 -31.00 -0.25 6.01
C PRO B 398 -31.19 1.00 6.88
N ALA B 399 -30.71 2.16 6.40
CA ALA B 399 -30.96 3.42 7.11
C ALA B 399 -32.42 3.84 7.02
N PHE B 400 -33.07 3.53 5.89
CA PHE B 400 -34.50 3.80 5.75
C PHE B 400 -35.33 2.87 6.61
N LEU B 401 -34.83 1.67 6.89
CA LEU B 401 -35.49 0.75 7.81
C LEU B 401 -35.14 1.09 9.25
N ARG B 402 -33.92 1.57 9.47
CA ARG B 402 -33.44 1.90 10.82
C ARG B 402 -34.24 3.04 11.44
N LYS B 403 -34.46 4.13 10.69
CA LYS B 403 -35.18 5.29 11.21
C LYS B 403 -36.66 5.04 11.44
N LEU B 404 -37.21 3.94 10.92
CA LEU B 404 -38.57 3.56 11.28
C LEU B 404 -38.68 3.34 12.78
N PHE B 405 -37.87 2.44 13.33
CA PHE B 405 -37.81 2.24 14.77
C PHE B 405 -36.65 3.02 15.38
#